data_3BX3
#
_entry.id   3BX3
#
_cell.length_a   66.065
_cell.length_b   137.116
_cell.length_c   160.559
_cell.angle_alpha   90.00
_cell.angle_beta   90.00
_cell.angle_gamma   90.00
#
_symmetry.space_group_name_H-M   'P 21 21 21'
#
loop_
_entity.id
_entity.type
_entity.pdbx_description
1 polymer 'COX17 RNA target sequence'
2 polymer 'Protein PUF4'
3 non-polymer 'SULFATE ION'
#
loop_
_entity_poly.entity_id
_entity_poly.type
_entity_poly.pdbx_seq_one_letter_code
_entity_poly.pdbx_strand_id
1 'polyribonucleotide' UGUAUAUA C,D
2 'polypeptide(L)'
;SRFADAVLDQYIGSIHSLCKDQHGCRFLQKQLDILGSKAADAIFEETKDYTVELMTDSFGNYLIQKLLEEVTTEQRIVLT
KISSPHFVEISLNPHGCRALQKLIECIKTDEEAQIVVDSLRPYTVQLSKDLNGNHVIQKCLQRLKPENFQFIFDAISDSC
IDIATHRHGCRVLQRCLDHGTTEQCDNLCDKLLALVDKLTLDPFGNYVVQYIITKEAEKNKYDYTHKIVHLLKPRAIELS
IHKFGSNVIEKILKTAIVSEPMILEILNNGGETGIQSLLNDSYGNYVLQTALDISHKQNDYLYKRLSEIVAPLLVGPIRN
TPHGKRIIGMLHLDS
;
A,B
#
loop_
_chem_comp.id
_chem_comp.type
_chem_comp.name
_chem_comp.formula
A RNA linking ADENOSINE-5'-MONOPHOSPHATE 'C10 H14 N5 O7 P'
G RNA linking GUANOSINE-5'-MONOPHOSPHATE 'C10 H14 N5 O8 P'
SO4 non-polymer 'SULFATE ION' 'O4 S -2'
U RNA linking URIDINE-5'-MONOPHOSPHATE 'C9 H13 N2 O9 P'
#
# COMPACT_ATOMS: atom_id res chain seq x y z
N ASP C 9 -8.35 -40.87 22.81
CA ASP C 9 -7.78 -41.73 21.77
C ASP C 9 -8.76 -41.87 20.60
N GLN C 10 -9.64 -40.89 20.44
CA GLN C 10 -10.78 -41.00 19.52
C GLN C 10 -10.47 -41.39 18.07
N TYR C 11 -10.98 -40.62 17.12
CA TYR C 11 -10.99 -41.11 15.76
C TYR C 11 -11.05 -40.03 14.68
N ILE C 12 -11.63 -40.43 13.55
CA ILE C 12 -12.02 -39.58 12.41
C ILE C 12 -10.98 -38.65 11.76
N GLY C 13 -10.55 -39.03 10.56
CA GLY C 13 -9.94 -38.10 9.64
C GLY C 13 -11.07 -37.26 9.07
N SER C 14 -10.94 -36.86 7.80
CA SER C 14 -11.95 -36.02 7.13
C SER C 14 -12.05 -34.60 7.71
N ILE C 15 -11.29 -34.36 8.77
CA ILE C 15 -11.16 -33.04 9.40
C ILE C 15 -11.47 -31.93 8.40
N HIS C 16 -10.59 -31.79 7.41
CA HIS C 16 -10.77 -30.81 6.35
C HIS C 16 -12.21 -30.35 6.16
N SER C 17 -13.10 -31.24 5.73
CA SER C 17 -14.44 -30.81 5.31
C SER C 17 -15.38 -30.44 6.46
N LEU C 18 -14.90 -30.56 7.69
CA LEU C 18 -15.61 -29.98 8.82
C LEU C 18 -15.45 -28.48 8.73
N CYS C 19 -14.47 -28.05 7.91
CA CYS C 19 -14.12 -26.65 7.73
C CYS C 19 -14.97 -26.00 6.64
N LYS C 20 -16.25 -25.83 6.96
CA LYS C 20 -17.20 -25.21 6.04
C LYS C 20 -18.43 -24.83 6.85
N ASP C 21 -18.55 -25.44 8.04
CA ASP C 21 -19.56 -25.06 9.01
C ASP C 21 -19.11 -23.78 9.69
N GLN C 22 -19.66 -23.56 10.88
CA GLN C 22 -19.07 -22.66 11.85
C GLN C 22 -19.05 -23.52 13.10
N HIS C 23 -19.68 -24.68 12.98
CA HIS C 23 -19.97 -25.57 14.09
C HIS C 23 -19.00 -26.75 14.10
N GLY C 24 -18.91 -27.44 12.97
CA GLY C 24 -17.88 -28.44 12.78
C GLY C 24 -16.57 -27.71 12.54
N CYS C 25 -16.69 -26.40 12.41
CA CYS C 25 -15.53 -25.55 12.19
C CYS C 25 -15.08 -24.91 13.50
N ARG C 26 -16.00 -24.85 14.46
CA ARG C 26 -15.67 -24.47 15.83
C ARG C 26 -15.48 -25.78 16.63
N PHE C 27 -15.70 -26.90 15.97
CA PHE C 27 -15.48 -28.20 16.60
C PHE C 27 -14.01 -28.59 16.65
N LEU C 28 -13.33 -28.50 15.52
CA LEU C 28 -11.90 -28.80 15.46
C LEU C 28 -11.18 -28.06 16.59
N GLN C 29 -11.76 -26.92 16.96
CA GLN C 29 -11.25 -26.07 18.03
C GLN C 29 -11.66 -26.62 19.40
N LYS C 30 -12.92 -27.05 19.52
CA LYS C 30 -13.34 -27.77 20.70
C LYS C 30 -12.31 -28.88 20.93
N GLN C 31 -11.81 -29.43 19.83
CA GLN C 31 -10.93 -30.59 19.86
C GLN C 31 -9.53 -30.30 20.35
N LEU C 32 -9.05 -29.10 20.08
CA LEU C 32 -7.70 -28.72 20.44
C LEU C 32 -7.64 -28.02 21.79
N ASP C 33 -8.78 -27.51 22.26
CA ASP C 33 -8.84 -26.82 23.55
C ASP C 33 -8.50 -27.82 24.65
N ILE C 34 -9.01 -29.03 24.46
CA ILE C 34 -8.82 -30.15 25.39
C ILE C 34 -7.85 -31.17 24.79
N LEU C 35 -6.68 -30.67 24.41
CA LEU C 35 -5.76 -31.31 23.47
C LEU C 35 -4.94 -30.13 22.95
N GLY C 36 -4.33 -30.24 21.77
CA GLY C 36 -4.06 -31.50 21.11
C GLY C 36 -2.57 -31.70 21.01
N SER C 37 -1.96 -32.12 22.12
CA SER C 37 -0.51 -32.34 22.16
C SER C 37 -0.02 -33.14 20.96
N LYS C 38 -0.80 -34.15 20.57
CA LYS C 38 -0.45 -35.01 19.44
C LYS C 38 -1.58 -35.04 18.40
N ALA C 39 -2.63 -34.27 18.63
CA ALA C 39 -3.76 -34.19 17.71
C ALA C 39 -3.53 -33.10 16.68
N ALA C 40 -2.89 -32.02 17.12
CA ALA C 40 -2.57 -30.91 16.24
C ALA C 40 -1.41 -31.28 15.30
N ASP C 41 -1.01 -32.54 15.33
CA ASP C 41 -0.08 -33.05 14.35
C ASP C 41 -0.91 -33.59 13.20
N ALA C 42 -2.09 -34.10 13.55
CA ALA C 42 -3.00 -34.64 12.56
C ALA C 42 -3.53 -33.50 11.73
N ILE C 43 -4.52 -32.81 12.29
CA ILE C 43 -5.03 -31.57 11.73
C ILE C 43 -3.99 -30.87 10.87
N PHE C 44 -2.78 -30.74 11.40
CA PHE C 44 -1.70 -30.10 10.68
C PHE C 44 -1.41 -30.76 9.33
N GLU C 45 -0.94 -32.00 9.34
CA GLU C 45 -0.51 -32.67 8.11
C GLU C 45 -1.65 -32.80 7.11
N GLU C 46 -2.85 -32.43 7.55
CA GLU C 46 -4.04 -32.43 6.70
C GLU C 46 -4.33 -31.06 6.09
N THR C 47 -4.64 -30.12 6.97
CA THR C 47 -5.02 -28.76 6.59
C THR C 47 -3.83 -27.94 6.07
N LYS C 48 -2.62 -28.41 6.31
CA LYS C 48 -1.43 -27.67 5.90
C LYS C 48 -1.43 -27.36 4.41
N ASP C 49 -2.44 -27.84 3.70
CA ASP C 49 -2.53 -27.66 2.25
C ASP C 49 -3.55 -26.61 1.87
N TYR C 50 -4.42 -26.26 2.80
CA TYR C 50 -5.49 -25.31 2.52
C TYR C 50 -5.36 -24.07 3.39
N THR C 51 -4.21 -23.92 4.03
CA THR C 51 -3.98 -22.85 4.99
C THR C 51 -4.34 -21.46 4.45
N VAL C 52 -4.09 -21.22 3.18
CA VAL C 52 -4.32 -19.90 2.67
C VAL C 52 -5.80 -19.60 2.55
N GLU C 53 -6.60 -20.54 2.09
CA GLU C 53 -8.02 -20.20 1.98
C GLU C 53 -8.78 -20.56 3.24
N LEU C 54 -8.09 -21.20 4.18
CA LEU C 54 -8.61 -21.35 5.52
C LEU C 54 -8.42 -20.07 6.32
N MET C 55 -7.25 -19.45 6.15
CA MET C 55 -6.97 -18.13 6.71
C MET C 55 -8.03 -17.11 6.27
N THR C 56 -8.29 -17.02 4.97
CA THR C 56 -9.23 -16.05 4.41
C THR C 56 -10.67 -16.50 4.56
N ASP C 57 -10.89 -17.49 5.42
CA ASP C 57 -12.24 -18.00 5.59
C ASP C 57 -13.00 -17.33 6.73
N SER C 58 -14.32 -17.34 6.61
CA SER C 58 -15.18 -16.72 7.60
C SER C 58 -15.21 -17.49 8.93
N PHE C 59 -14.74 -18.73 8.90
CA PHE C 59 -14.72 -19.56 10.10
C PHE C 59 -13.41 -20.33 10.16
N GLY C 60 -12.68 -20.32 9.05
CA GLY C 60 -11.44 -21.09 8.93
C GLY C 60 -10.29 -20.47 9.71
N ASN C 61 -10.15 -19.16 9.57
CA ASN C 61 -9.17 -18.42 10.34
C ASN C 61 -9.22 -18.75 11.84
N TYR C 62 -10.40 -19.05 12.36
CA TYR C 62 -10.52 -19.36 13.78
C TYR C 62 -9.74 -20.60 14.17
N LEU C 63 -10.04 -21.72 13.51
CA LEU C 63 -9.23 -22.93 13.66
C LEU C 63 -7.76 -22.59 13.52
N ILE C 64 -7.41 -21.93 12.42
CA ILE C 64 -6.03 -21.56 12.18
C ILE C 64 -5.46 -20.75 13.35
N GLN C 65 -6.17 -19.70 13.75
CA GLN C 65 -5.70 -18.84 14.82
C GLN C 65 -5.25 -19.70 15.99
N LYS C 66 -6.16 -20.54 16.44
CA LYS C 66 -5.87 -21.42 17.57
C LYS C 66 -4.89 -22.52 17.21
N LEU C 67 -4.90 -22.95 15.95
CA LEU C 67 -4.01 -24.02 15.52
C LEU C 67 -2.52 -23.68 15.68
N LEU C 68 -2.18 -22.39 15.59
CA LEU C 68 -0.77 -21.97 15.67
C LEU C 68 -0.33 -21.75 17.12
N GLU C 69 -1.29 -21.69 18.02
CA GLU C 69 -0.98 -21.60 19.44
C GLU C 69 -0.57 -22.99 19.88
N GLU C 70 -1.23 -23.98 19.28
CA GLU C 70 -1.11 -25.37 19.71
C GLU C 70 0.04 -26.08 19.00
N VAL C 71 0.31 -25.67 17.77
CA VAL C 71 1.27 -26.35 16.92
C VAL C 71 2.72 -26.19 17.39
N THR C 72 3.64 -26.92 16.77
CA THR C 72 5.05 -26.88 17.13
C THR C 72 5.80 -25.85 16.30
N THR C 73 6.98 -25.45 16.76
CA THR C 73 7.82 -24.53 16.00
C THR C 73 8.01 -24.98 14.53
N GLU C 74 8.42 -26.23 14.35
CA GLU C 74 8.63 -26.76 13.00
C GLU C 74 7.39 -26.58 12.16
N GLN C 75 6.24 -26.82 12.78
CA GLN C 75 4.99 -26.79 12.05
C GLN C 75 4.54 -25.37 11.73
N ARG C 76 4.84 -24.44 12.65
CA ARG C 76 4.53 -23.02 12.46
C ARG C 76 5.40 -22.41 11.35
N ILE C 77 6.66 -22.80 11.29
CA ILE C 77 7.54 -22.37 10.22
C ILE C 77 7.06 -22.88 8.86
N VAL C 78 6.54 -24.10 8.84
CA VAL C 78 6.07 -24.68 7.59
C VAL C 78 4.93 -23.86 7.04
N LEU C 79 4.00 -23.51 7.93
CA LEU C 79 2.82 -22.69 7.59
C LEU C 79 3.22 -21.32 7.11
N THR C 80 4.12 -20.68 7.84
CA THR C 80 4.71 -19.43 7.44
C THR C 80 5.27 -19.47 6.03
N LYS C 81 5.93 -20.56 5.68
CA LYS C 81 6.51 -20.69 4.34
C LYS C 81 5.42 -20.92 3.29
N ILE C 82 4.34 -21.57 3.72
CA ILE C 82 3.19 -21.81 2.85
C ILE C 82 2.39 -20.52 2.59
N SER C 83 2.29 -19.67 3.60
CA SER C 83 1.58 -18.41 3.50
C SER C 83 2.41 -17.21 3.02
N SER C 84 3.71 -17.21 3.25
CA SER C 84 4.52 -16.09 2.77
C SER C 84 4.22 -15.58 1.35
N PRO C 85 3.97 -16.49 0.40
CA PRO C 85 3.85 -15.95 -0.95
C PRO C 85 2.52 -15.25 -1.18
N HIS C 86 1.71 -15.12 -0.14
CA HIS C 86 0.32 -14.64 -0.25
C HIS C 86 -0.11 -13.66 0.86
N PHE C 87 0.85 -13.11 1.57
CA PHE C 87 0.57 -12.30 2.72
C PHE C 87 -0.30 -11.13 2.37
N VAL C 88 -0.11 -10.60 1.16
CA VAL C 88 -0.91 -9.47 0.67
C VAL C 88 -2.42 -9.74 0.48
N GLU C 89 -2.78 -10.78 -0.29
CA GLU C 89 -4.19 -11.16 -0.40
C GLU C 89 -4.75 -11.57 0.96
N ILE C 90 -3.84 -11.98 1.84
CA ILE C 90 -4.19 -12.39 3.18
C ILE C 90 -4.37 -11.18 4.11
N SER C 91 -3.39 -10.30 4.10
CA SER C 91 -3.47 -9.07 4.86
C SER C 91 -4.73 -8.25 4.54
N LEU C 92 -5.09 -8.13 3.25
CA LEU C 92 -6.24 -7.35 2.78
C LEU C 92 -7.56 -8.03 3.08
N ASN C 93 -7.54 -9.17 3.72
CA ASN C 93 -8.80 -9.83 3.97
C ASN C 93 -9.23 -9.67 5.41
N PRO C 94 -10.53 -9.50 5.62
CA PRO C 94 -11.17 -9.42 6.93
C PRO C 94 -10.69 -10.49 7.90
N HIS C 95 -10.81 -11.76 7.52
CA HIS C 95 -10.42 -12.84 8.41
C HIS C 95 -8.92 -13.11 8.30
N GLY C 96 -8.40 -13.07 7.08
CA GLY C 96 -6.98 -13.27 6.83
C GLY C 96 -6.07 -12.48 7.76
N CYS C 97 -6.31 -11.17 7.84
CA CYS C 97 -5.51 -10.30 8.69
C CYS C 97 -5.50 -10.79 10.13
N ARG C 98 -6.63 -11.32 10.59
CA ARG C 98 -6.74 -11.79 11.97
C ARG C 98 -6.05 -13.13 12.22
N ALA C 99 -5.97 -13.95 11.17
CA ALA C 99 -5.18 -15.17 11.21
C ALA C 99 -3.69 -14.83 11.14
N LEU C 100 -3.33 -14.04 10.13
CA LEU C 100 -1.96 -13.55 9.97
C LEU C 100 -1.48 -12.75 11.19
N GLN C 101 -2.39 -12.12 11.91
CA GLN C 101 -1.98 -11.35 13.08
C GLN C 101 -1.51 -12.32 14.10
N LYS C 102 -2.31 -13.34 14.35
CA LYS C 102 -1.97 -14.35 15.34
C LYS C 102 -0.67 -14.99 14.98
N LEU C 103 -0.45 -15.20 13.68
CA LEU C 103 0.76 -15.88 13.21
C LEU C 103 1.96 -15.18 13.76
N ILE C 104 1.94 -13.85 13.63
CA ILE C 104 2.98 -12.97 14.15
C ILE C 104 3.02 -12.95 15.69
N GLU C 105 1.86 -13.08 16.31
CA GLU C 105 1.85 -13.16 17.76
C GLU C 105 2.65 -14.36 18.25
N CYS C 106 2.77 -15.38 17.41
CA CYS C 106 3.40 -16.67 17.80
C CYS C 106 4.85 -16.88 17.38
N ILE C 107 5.34 -16.11 16.42
CA ILE C 107 6.66 -16.41 15.84
C ILE C 107 7.77 -16.28 16.85
N LYS C 108 8.39 -17.40 17.17
CA LYS C 108 9.39 -17.44 18.24
C LYS C 108 10.85 -17.57 17.77
N THR C 109 11.14 -17.24 16.51
CA THR C 109 12.50 -17.37 16.00
C THR C 109 12.93 -16.24 15.06
N ASP C 110 14.23 -15.95 15.01
CA ASP C 110 14.73 -14.91 14.12
C ASP C 110 14.85 -15.41 12.70
N GLU C 111 13.99 -16.36 12.36
CA GLU C 111 13.81 -16.82 10.98
C GLU C 111 12.36 -16.59 10.63
N GLU C 112 11.47 -17.14 11.45
CA GLU C 112 10.04 -16.82 11.33
C GLU C 112 9.86 -15.32 11.10
N ALA C 113 10.50 -14.52 11.94
CA ALA C 113 10.47 -13.07 11.79
C ALA C 113 11.17 -12.66 10.52
N GLN C 114 12.38 -13.14 10.31
CA GLN C 114 13.11 -12.80 9.12
C GLN C 114 12.45 -13.25 7.81
N ILE C 115 11.33 -13.95 7.90
CA ILE C 115 10.66 -14.41 6.69
C ILE C 115 9.52 -13.45 6.45
N VAL C 116 8.75 -13.22 7.50
CA VAL C 116 7.70 -12.22 7.49
C VAL C 116 8.20 -10.85 6.99
N VAL C 117 9.31 -10.33 7.50
CA VAL C 117 9.78 -9.03 7.04
C VAL C 117 10.16 -8.97 5.56
N ASP C 118 10.55 -10.08 4.94
CA ASP C 118 10.84 -9.99 3.52
C ASP C 118 9.54 -10.02 2.73
N SER C 119 8.56 -10.73 3.27
CA SER C 119 7.26 -10.88 2.63
C SER C 119 6.44 -9.60 2.71
N LEU C 120 6.45 -8.95 3.87
CA LEU C 120 5.69 -7.72 4.06
C LEU C 120 6.42 -6.48 3.52
N ARG C 121 7.74 -6.55 3.41
CA ARG C 121 8.50 -5.34 3.10
C ARG C 121 8.13 -4.62 1.80
N PRO C 122 8.00 -5.35 0.69
CA PRO C 122 7.78 -4.57 -0.54
C PRO C 122 6.44 -3.82 -0.52
N TYR C 123 5.59 -4.12 0.46
CA TYR C 123 4.21 -3.65 0.43
C TYR C 123 3.82 -2.90 1.69
N THR C 124 4.78 -2.23 2.33
CA THR C 124 4.51 -1.66 3.64
C THR C 124 3.55 -0.48 3.52
N VAL C 125 3.90 0.48 2.67
CA VAL C 125 3.04 1.63 2.43
C VAL C 125 1.65 1.16 2.07
N GLN C 126 1.56 0.50 0.93
CA GLN C 126 0.34 -0.13 0.47
C GLN C 126 -0.52 -0.73 1.57
N LEU C 127 0.09 -1.55 2.41
CA LEU C 127 -0.61 -2.34 3.41
C LEU C 127 -1.10 -1.55 4.62
N SER C 128 -0.47 -0.40 4.88
CA SER C 128 -0.81 0.44 6.04
C SER C 128 -1.99 1.35 5.74
N LYS C 129 -2.17 1.68 4.46
CA LYS C 129 -3.38 2.33 3.97
C LYS C 129 -4.63 1.42 3.98
N ASP C 130 -4.43 0.11 3.89
CA ASP C 130 -5.58 -0.78 3.81
C ASP C 130 -6.34 -0.91 5.09
N LEU C 131 -7.65 -0.82 4.99
CA LEU C 131 -8.50 -1.00 6.15
C LEU C 131 -8.07 -2.21 6.98
N ASN C 132 -7.68 -3.29 6.32
CA ASN C 132 -7.32 -4.52 7.04
C ASN C 132 -5.84 -4.74 7.19
N GLY C 133 -5.08 -4.12 6.31
CA GLY C 133 -3.64 -4.28 6.26
C GLY C 133 -2.92 -3.67 7.44
N ASN C 134 -3.39 -2.51 7.89
CA ASN C 134 -2.66 -1.78 8.92
C ASN C 134 -2.50 -2.61 10.19
N HIS C 135 -3.59 -3.26 10.59
CA HIS C 135 -3.63 -4.00 11.85
C HIS C 135 -2.57 -5.10 11.93
N VAL C 136 -2.01 -5.47 10.78
CA VAL C 136 -0.95 -6.48 10.66
C VAL C 136 0.42 -5.82 10.67
N ILE C 137 0.61 -4.76 9.89
CA ILE C 137 1.79 -3.93 10.02
C ILE C 137 1.91 -3.38 11.45
N GLN C 138 0.78 -2.97 12.03
CA GLN C 138 0.76 -2.55 13.43
C GLN C 138 1.25 -3.62 14.38
N LYS C 139 0.89 -4.87 14.11
CA LYS C 139 1.24 -5.99 14.99
C LYS C 139 2.70 -6.38 14.84
N CYS C 140 3.26 -6.21 13.65
CA CYS C 140 4.71 -6.33 13.52
C CYS C 140 5.43 -5.40 14.47
N LEU C 141 4.82 -4.24 14.74
CA LEU C 141 5.44 -3.24 15.62
C LEU C 141 5.34 -3.74 17.04
N GLN C 142 4.15 -4.14 17.45
CA GLN C 142 3.93 -4.67 18.79
C GLN C 142 4.82 -5.88 19.18
N ARG C 143 4.85 -6.90 18.34
CA ARG C 143 5.48 -8.20 18.69
C ARG C 143 6.93 -8.40 18.25
N LEU C 144 7.29 -7.90 17.07
CA LEU C 144 8.66 -8.01 16.59
C LEU C 144 9.67 -7.16 17.37
N LYS C 145 10.94 -7.57 17.30
CA LYS C 145 12.03 -6.75 17.78
C LYS C 145 12.29 -5.60 16.81
N PRO C 146 12.72 -4.45 17.35
CA PRO C 146 13.04 -3.21 16.64
C PRO C 146 14.02 -3.36 15.48
N GLU C 147 14.96 -4.29 15.61
CA GLU C 147 15.94 -4.52 14.56
C GLU C 147 15.21 -5.15 13.39
N ASN C 148 14.16 -5.91 13.73
CA ASN C 148 13.30 -6.58 12.77
C ASN C 148 12.40 -5.60 12.08
N PHE C 149 11.47 -5.01 12.81
CA PHE C 149 10.56 -4.03 12.20
C PHE C 149 11.17 -2.75 11.57
N GLN C 150 12.48 -2.55 11.69
CA GLN C 150 13.14 -1.45 10.99
C GLN C 150 12.65 -1.13 9.59
N PHE C 151 12.33 -2.17 8.80
CA PHE C 151 11.89 -2.01 7.40
C PHE C 151 10.65 -1.10 7.24
N ILE C 152 9.71 -1.24 8.19
CA ILE C 152 8.55 -0.39 8.35
C ILE C 152 8.92 1.08 8.57
N PHE C 153 9.82 1.34 9.50
CA PHE C 153 10.25 2.70 9.77
C PHE C 153 10.82 3.35 8.51
N ASP C 154 11.54 2.57 7.73
CA ASP C 154 12.17 3.06 6.50
C ASP C 154 11.14 3.22 5.41
N ALA C 155 10.17 2.31 5.38
CA ALA C 155 9.10 2.35 4.41
C ALA C 155 8.33 3.63 4.62
N ILE C 156 7.94 3.89 5.87
CA ILE C 156 7.18 5.09 6.25
C ILE C 156 7.94 6.41 6.11
N SER C 157 9.08 6.51 6.76
CA SER C 157 9.92 7.67 6.59
C SER C 157 9.91 8.19 5.16
N ASP C 158 9.84 7.29 4.19
CA ASP C 158 9.92 7.70 2.79
C ASP C 158 8.65 8.39 2.32
N SER C 159 7.52 7.77 2.61
CA SER C 159 6.22 8.29 2.28
C SER C 159 5.67 8.88 3.56
N CYS C 160 6.42 9.82 4.14
CA CYS C 160 6.09 10.35 5.46
C CYS C 160 4.72 11.05 5.49
N ILE C 161 4.57 12.00 4.58
CA ILE C 161 3.38 12.81 4.48
C ILE C 161 2.06 12.06 4.16
N ASP C 162 2.06 11.04 3.28
CA ASP C 162 0.79 10.36 2.95
C ASP C 162 0.36 9.27 3.89
N ILE C 163 1.31 8.69 4.60
CA ILE C 163 0.97 7.72 5.64
C ILE C 163 0.49 8.49 6.87
N ALA C 164 1.10 9.65 7.06
CA ALA C 164 0.75 10.55 8.15
C ALA C 164 -0.64 11.19 7.93
N THR C 165 -0.99 11.49 6.68
CA THR C 165 -2.26 12.16 6.39
C THR C 165 -3.33 11.24 5.85
N HIS C 166 -3.42 10.03 6.41
CA HIS C 166 -4.21 8.95 5.80
C HIS C 166 -5.08 8.22 6.81
N ARG C 167 -6.39 8.12 6.58
CA ARG C 167 -7.29 7.51 7.59
C ARG C 167 -6.61 6.41 8.40
N HIS C 168 -5.80 5.62 7.71
CA HIS C 168 -5.31 4.33 8.21
C HIS C 168 -3.81 4.37 8.44
N GLY C 169 -3.07 4.66 7.38
CA GLY C 169 -1.64 4.89 7.48
C GLY C 169 -1.20 5.76 8.66
N CYS C 170 -2.04 6.68 9.12
CA CYS C 170 -1.66 7.50 10.27
C CYS C 170 -1.60 6.65 11.54
N ARG C 171 -2.63 5.84 11.81
CA ARG C 171 -2.61 5.01 13.02
C ARG C 171 -1.33 4.16 13.14
N VAL C 172 -0.84 3.66 12.01
CA VAL C 172 0.47 3.04 11.94
C VAL C 172 1.54 3.96 12.58
N LEU C 173 1.75 5.17 12.05
CA LEU C 173 2.69 6.13 12.66
C LEU C 173 2.63 6.23 14.19
N GLN C 174 1.42 6.19 14.73
CA GLN C 174 1.26 6.35 16.15
C GLN C 174 1.86 5.15 16.78
N ARG C 175 1.49 3.99 16.25
CA ARG C 175 1.96 2.72 16.77
C ARG C 175 3.47 2.57 16.62
N CYS C 176 4.09 3.23 15.66
CA CYS C 176 5.54 3.31 15.65
C CYS C 176 6.07 4.06 16.85
N LEU C 177 5.45 5.19 17.20
CA LEU C 177 5.94 6.01 18.32
C LEU C 177 5.70 5.26 19.62
N ASP C 178 4.76 4.32 19.61
CA ASP C 178 4.48 3.48 20.76
C ASP C 178 5.51 2.37 21.01
N HIS C 179 6.21 1.94 19.96
CA HIS C 179 7.06 0.75 20.08
C HIS C 179 8.44 0.86 19.48
N GLY C 180 8.71 1.94 18.76
CA GLY C 180 10.02 2.13 18.16
C GLY C 180 11.13 2.54 19.10
N THR C 181 12.23 2.98 18.53
CA THR C 181 13.45 3.24 19.27
C THR C 181 13.61 4.74 19.44
N THR C 182 14.24 5.18 20.52
CA THR C 182 14.60 6.59 20.62
C THR C 182 15.37 7.04 19.38
N GLU C 183 16.06 6.11 18.73
CA GLU C 183 16.78 6.43 17.50
C GLU C 183 15.80 6.44 16.33
N GLN C 184 14.98 5.40 16.26
CA GLN C 184 13.95 5.24 15.24
C GLN C 184 12.89 6.33 15.32
N CYS C 185 12.24 6.46 16.48
CA CYS C 185 11.24 7.49 16.73
C CYS C 185 11.77 8.91 16.44
N ASP C 186 13.07 9.09 16.48
CA ASP C 186 13.64 10.40 16.27
C ASP C 186 13.80 10.81 14.81
N ASN C 187 14.30 9.90 13.98
CA ASN C 187 14.53 10.25 12.60
C ASN C 187 13.16 10.46 11.94
N LEU C 188 12.15 9.81 12.52
CA LEU C 188 10.80 9.86 11.99
C LEU C 188 10.22 11.23 12.27
N CYS C 189 10.31 11.61 13.55
CA CYS C 189 9.86 12.92 14.04
C CYS C 189 10.56 14.10 13.38
N ASP C 190 11.78 13.92 12.90
CA ASP C 190 12.43 14.99 12.18
C ASP C 190 11.82 15.10 10.79
N LYS C 191 11.23 14.01 10.30
CA LYS C 191 10.52 14.04 9.02
C LYS C 191 9.12 14.61 9.20
N LEU C 192 8.45 14.23 10.28
CA LEU C 192 7.12 14.76 10.60
C LEU C 192 7.13 16.27 10.95
N LEU C 193 8.19 16.70 11.62
CA LEU C 193 8.22 18.06 12.10
C LEU C 193 8.45 19.03 10.93
N ALA C 194 8.85 18.51 9.77
CA ALA C 194 9.08 19.41 8.64
C ALA C 194 7.80 19.70 7.86
N LEU C 195 6.66 19.25 8.38
CA LEU C 195 5.40 19.38 7.68
C LEU C 195 4.28 19.71 8.64
N VAL C 196 4.63 20.24 9.81
CA VAL C 196 3.65 20.31 10.88
C VAL C 196 2.65 21.44 10.58
N ASP C 197 3.04 22.34 9.68
CA ASP C 197 2.10 23.24 9.03
C ASP C 197 0.98 22.39 8.43
N LYS C 198 1.32 21.66 7.36
CA LYS C 198 0.35 20.82 6.68
C LYS C 198 -0.31 19.80 7.62
N LEU C 199 0.46 19.29 8.59
CA LEU C 199 0.01 18.22 9.46
C LEU C 199 -0.98 18.63 10.53
N THR C 200 -0.84 19.85 11.03
CA THR C 200 -1.75 20.40 12.03
C THR C 200 -3.14 20.70 11.40
N LEU C 201 -3.13 21.21 10.16
CA LEU C 201 -4.38 21.44 9.37
C LEU C 201 -5.12 20.18 8.88
N ASP C 202 -4.38 19.15 8.46
CA ASP C 202 -4.93 17.86 8.00
C ASP C 202 -5.88 17.17 9.02
N PRO C 203 -6.90 16.46 8.53
CA PRO C 203 -7.92 15.76 9.36
C PRO C 203 -7.42 14.49 10.01
N PHE C 204 -6.21 14.08 9.64
CA PHE C 204 -5.60 12.85 10.16
C PHE C 204 -4.25 13.12 10.80
N GLY C 205 -3.36 13.76 10.08
CA GLY C 205 -2.09 14.20 10.60
C GLY C 205 -2.15 15.09 11.86
N ASN C 206 -3.21 15.89 11.99
CA ASN C 206 -3.42 16.66 13.20
C ASN C 206 -3.63 15.76 14.40
N TYR C 207 -3.73 14.45 14.19
CA TYR C 207 -3.82 13.50 15.31
C TYR C 207 -2.44 13.00 15.65
N VAL C 208 -1.58 12.96 14.63
CA VAL C 208 -0.18 12.57 14.78
C VAL C 208 0.58 13.60 15.61
N VAL C 209 0.52 14.84 15.17
CA VAL C 209 1.09 15.95 15.93
C VAL C 209 0.65 15.86 17.39
N GLN C 210 -0.61 15.55 17.63
CA GLN C 210 -1.03 15.56 19.00
C GLN C 210 -0.40 14.42 19.72
N TYR C 211 -0.14 13.35 19.00
CA TYR C 211 0.42 12.14 19.62
C TYR C 211 1.85 12.30 20.13
N ILE C 212 2.74 12.75 19.26
CA ILE C 212 4.04 13.19 19.73
C ILE C 212 3.98 13.83 21.12
N ILE C 213 3.28 14.94 21.22
CA ILE C 213 3.07 15.63 22.48
C ILE C 213 2.43 14.70 23.52
N THR C 214 1.47 13.89 23.12
CA THR C 214 0.82 13.00 24.08
C THR C 214 1.83 12.05 24.72
N LYS C 215 2.74 11.57 23.88
CA LYS C 215 3.69 10.51 24.25
C LYS C 215 4.88 11.00 25.07
N GLU C 216 5.54 12.06 24.62
CA GLU C 216 6.54 12.71 25.43
C GLU C 216 6.01 12.99 26.82
N ALA C 217 4.82 13.55 26.93
CA ALA C 217 4.26 13.89 28.22
C ALA C 217 3.81 12.67 29.03
N GLU C 218 3.96 11.47 28.47
CA GLU C 218 3.91 10.21 29.25
C GLU C 218 5.29 9.95 29.86
N LYS C 219 6.30 10.18 29.06
CA LYS C 219 7.68 10.06 29.46
C LYS C 219 8.14 11.20 30.39
N ASN C 220 7.38 12.28 30.42
CA ASN C 220 7.80 13.53 31.07
C ASN C 220 9.11 14.06 30.53
N LYS C 221 9.41 13.74 29.28
CA LYS C 221 10.70 14.05 28.70
C LYS C 221 10.58 14.65 27.28
N TYR C 222 10.67 15.99 27.21
CA TYR C 222 10.20 16.75 26.05
C TYR C 222 11.30 17.24 25.13
N ASP C 223 11.20 16.88 23.85
CA ASP C 223 12.17 17.20 22.81
C ASP C 223 11.43 17.78 21.62
N TYR C 224 10.41 17.08 21.16
CA TYR C 224 9.74 17.52 19.95
C TYR C 224 8.63 18.48 20.32
N THR C 225 7.98 18.21 21.45
CA THR C 225 6.95 19.12 21.93
C THR C 225 7.41 20.58 21.86
N HIS C 226 8.59 20.87 22.36
CA HIS C 226 9.07 22.25 22.29
C HIS C 226 9.24 22.69 20.86
N LYS C 227 9.97 21.92 20.08
CA LYS C 227 10.15 22.22 18.67
C LYS C 227 8.82 22.40 17.92
N ILE C 228 7.79 21.63 18.31
CA ILE C 228 6.47 21.74 17.69
C ILE C 228 5.83 23.09 17.97
N VAL C 229 5.81 23.44 19.25
CA VAL C 229 5.30 24.72 19.72
C VAL C 229 6.05 25.92 19.15
N HIS C 230 7.35 25.80 19.04
CA HIS C 230 8.14 26.93 18.58
C HIS C 230 7.74 27.29 17.16
N LEU C 231 7.30 26.29 16.42
CA LEU C 231 6.99 26.45 15.01
C LEU C 231 5.55 26.93 14.84
N LEU C 232 4.69 26.33 15.66
CA LEU C 232 3.28 26.61 15.65
C LEU C 232 2.94 27.97 16.27
N LYS C 233 3.19 28.12 17.57
CA LYS C 233 2.75 29.30 18.36
C LYS C 233 2.64 30.59 17.56
N PRO C 234 3.72 30.98 16.87
CA PRO C 234 3.65 32.21 16.07
C PRO C 234 2.31 32.37 15.32
N ARG C 235 1.73 31.26 14.84
CA ARG C 235 0.44 31.25 14.16
C ARG C 235 -0.70 30.73 15.04
N ALA C 236 -0.68 31.08 16.32
CA ALA C 236 -1.68 30.59 17.30
C ALA C 236 -3.14 30.92 17.01
N ILE C 237 -3.40 32.18 16.69
CA ILE C 237 -4.78 32.58 16.51
C ILE C 237 -5.33 31.87 15.28
N GLU C 238 -4.58 31.98 14.20
CA GLU C 238 -4.95 31.45 12.92
C GLU C 238 -5.40 30.00 13.05
N LEU C 239 -4.70 29.27 13.91
CA LEU C 239 -4.88 27.82 13.98
C LEU C 239 -5.97 27.45 14.96
N SER C 240 -6.30 28.38 15.86
CA SER C 240 -7.29 28.12 16.89
C SER C 240 -8.68 28.17 16.31
N ILE C 241 -8.84 28.92 15.22
CA ILE C 241 -10.14 29.02 14.52
C ILE C 241 -10.23 28.02 13.38
N HIS C 242 -9.10 27.48 12.96
CA HIS C 242 -9.11 26.41 12.00
C HIS C 242 -9.65 25.09 12.56
N LYS C 243 -10.47 24.41 11.74
CA LYS C 243 -11.27 23.26 12.16
C LYS C 243 -10.49 22.14 12.84
N PHE C 244 -9.31 21.85 12.30
CA PHE C 244 -8.44 20.78 12.83
C PHE C 244 -7.31 21.32 13.71
N GLY C 245 -6.48 22.21 13.17
CA GLY C 245 -5.52 22.96 13.96
C GLY C 245 -6.02 23.36 15.36
N SER C 246 -7.25 23.83 15.46
CA SER C 246 -7.79 24.21 16.76
C SER C 246 -7.71 23.07 17.79
N ASN C 247 -7.27 21.89 17.38
CA ASN C 247 -7.22 20.77 18.28
C ASN C 247 -5.79 20.54 18.78
N VAL C 248 -4.85 20.88 17.92
CA VAL C 248 -3.44 20.88 18.29
C VAL C 248 -3.21 21.95 19.34
N ILE C 249 -3.75 23.14 19.06
CA ILE C 249 -3.65 24.31 19.94
C ILE C 249 -4.26 24.03 21.30
N GLU C 250 -5.37 23.30 21.31
CA GLU C 250 -6.00 22.90 22.57
C GLU C 250 -5.14 21.87 23.31
N LYS C 251 -4.38 21.09 22.55
CA LYS C 251 -3.49 20.12 23.13
C LYS C 251 -2.41 20.86 23.89
N ILE C 252 -1.71 21.74 23.19
CA ILE C 252 -0.67 22.54 23.83
C ILE C 252 -1.16 23.22 25.10
N LEU C 253 -2.31 23.86 25.04
CA LEU C 253 -2.93 24.42 26.22
C LEU C 253 -3.06 23.41 27.32
N LYS C 254 -3.43 22.20 26.99
CA LYS C 254 -3.66 21.21 28.03
C LYS C 254 -2.34 20.61 28.53
N THR C 255 -1.25 20.89 27.82
CA THR C 255 0.05 20.33 28.15
C THR C 255 0.82 21.29 29.05
N ALA C 256 0.86 20.93 30.34
CA ALA C 256 1.41 21.78 31.43
C ALA C 256 2.71 22.53 31.17
N ILE C 257 3.66 21.89 30.51
CA ILE C 257 4.95 22.51 30.34
C ILE C 257 4.94 23.53 29.21
N VAL C 258 3.79 23.69 28.58
CA VAL C 258 3.71 24.65 27.46
C VAL C 258 2.52 25.63 27.51
N SER C 259 1.55 25.36 28.39
CA SER C 259 0.36 26.19 28.52
C SER C 259 0.71 27.67 28.46
N GLU C 260 1.33 28.13 29.54
CA GLU C 260 1.59 29.54 29.74
C GLU C 260 2.20 30.29 28.56
N PRO C 261 3.29 29.76 27.99
CA PRO C 261 3.81 30.48 26.82
C PRO C 261 2.76 30.62 25.72
N MET C 262 1.86 29.65 25.59
CA MET C 262 0.86 29.67 24.54
C MET C 262 -0.24 30.71 24.86
N ILE C 263 -0.74 30.66 26.10
CA ILE C 263 -1.62 31.68 26.62
C ILE C 263 -1.03 33.07 26.45
N LEU C 264 0.23 33.24 26.80
CA LEU C 264 0.96 34.47 26.54
C LEU C 264 1.02 34.86 25.05
N GLU C 265 0.88 33.90 24.14
CA GLU C 265 0.94 34.23 22.71
C GLU C 265 -0.34 34.91 22.31
N ILE C 266 -1.43 34.31 22.77
CA ILE C 266 -2.76 34.85 22.58
C ILE C 266 -2.92 36.25 23.17
N LEU C 267 -2.46 36.45 24.41
CA LEU C 267 -2.51 37.76 25.04
C LEU C 267 -1.62 38.74 24.26
N ASN C 268 -0.34 38.40 24.14
CA ASN C 268 0.59 39.27 23.44
C ASN C 268 0.14 39.57 22.01
N ASN C 269 0.00 38.52 21.20
CA ASN C 269 -0.27 38.68 19.78
C ASN C 269 -1.73 38.47 19.34
N GLY C 270 -2.48 37.69 20.09
CA GLY C 270 -3.90 37.55 19.79
C GLY C 270 -4.65 38.81 20.20
N GLY C 271 -3.94 39.93 20.16
CA GLY C 271 -4.47 41.21 20.60
C GLY C 271 -5.63 41.12 21.59
N GLU C 272 -6.45 42.18 21.58
CA GLU C 272 -7.75 42.13 22.18
C GLU C 272 -8.66 41.79 21.02
N THR C 273 -8.09 41.98 19.84
CA THR C 273 -8.72 41.55 18.59
C THR C 273 -8.77 40.04 18.49
N GLY C 274 -7.59 39.44 18.41
CA GLY C 274 -7.46 38.00 18.27
C GLY C 274 -8.37 37.26 19.22
N ILE C 275 -8.68 37.85 20.36
CA ILE C 275 -9.58 37.18 21.29
C ILE C 275 -11.05 37.39 20.91
N GLN C 276 -11.31 38.41 20.09
CA GLN C 276 -12.66 38.64 19.58
C GLN C 276 -12.92 37.51 18.60
N SER C 277 -11.97 37.31 17.70
CA SER C 277 -11.99 36.20 16.74
C SER C 277 -12.26 34.86 17.42
N LEU C 278 -11.53 34.57 18.49
CA LEU C 278 -11.74 33.36 19.27
C LEU C 278 -13.16 33.23 19.82
N LEU C 279 -13.67 34.34 20.34
CA LEU C 279 -15.04 34.40 20.88
C LEU C 279 -16.15 34.03 19.88
N ASN C 280 -16.10 34.58 18.68
CA ASN C 280 -17.23 34.49 17.81
C ASN C 280 -17.20 33.24 16.93
N ASP C 281 -16.00 32.73 16.64
CA ASP C 281 -15.87 31.61 15.72
C ASP C 281 -16.18 30.26 16.33
N SER C 282 -16.56 29.30 15.48
CA SER C 282 -17.04 27.99 15.92
C SER C 282 -15.95 27.11 16.52
N TYR C 283 -14.70 27.39 16.15
CA TYR C 283 -13.56 26.63 16.67
C TYR C 283 -12.83 27.40 17.78
N GLY C 284 -12.29 28.56 17.44
CA GLY C 284 -11.65 29.43 18.43
C GLY C 284 -12.42 29.44 19.74
N ASN C 285 -13.75 29.52 19.64
CA ASN C 285 -14.61 29.47 20.81
C ASN C 285 -14.06 28.53 21.89
N TYR C 286 -13.86 27.27 21.51
CA TYR C 286 -13.38 26.21 22.42
C TYR C 286 -11.95 26.42 22.91
N VAL C 287 -11.06 26.82 22.02
CA VAL C 287 -9.73 27.25 22.40
C VAL C 287 -9.81 28.20 23.57
N LEU C 288 -10.46 29.33 23.35
CA LEU C 288 -10.70 30.35 24.37
C LEU C 288 -11.26 29.81 25.70
N GLN C 289 -12.13 28.81 25.64
CA GLN C 289 -12.70 28.26 26.84
C GLN C 289 -11.68 27.37 27.53
N THR C 290 -10.85 26.72 26.73
CA THR C 290 -9.79 25.90 27.30
C THR C 290 -8.76 26.82 27.94
N ALA C 291 -8.36 27.85 27.21
CA ALA C 291 -7.45 28.86 27.79
C ALA C 291 -7.91 29.36 29.17
N LEU C 292 -9.16 29.77 29.28
CA LEU C 292 -9.67 30.24 30.55
C LEU C 292 -9.67 29.17 31.61
N ASP C 293 -10.13 27.99 31.23
CA ASP C 293 -10.19 26.85 32.14
C ASP C 293 -8.83 26.51 32.73
N ILE C 294 -7.80 26.49 31.88
CA ILE C 294 -6.48 26.13 32.35
C ILE C 294 -5.94 27.23 33.23
N SER C 295 -5.56 28.35 32.62
CA SER C 295 -4.98 29.48 33.33
C SER C 295 -5.57 29.69 34.72
N HIS C 296 -6.89 29.66 34.82
CA HIS C 296 -7.52 29.65 36.14
C HIS C 296 -6.75 28.73 37.09
N LYS C 297 -6.76 27.43 36.78
CA LYS C 297 -6.02 26.41 37.51
C LYS C 297 -4.50 26.57 37.47
N GLN C 298 -3.98 26.90 36.30
CA GLN C 298 -2.53 26.98 36.08
C GLN C 298 -1.86 28.24 36.64
N ASN C 299 -2.42 29.41 36.38
CA ASN C 299 -1.74 30.65 36.73
C ASN C 299 -2.65 31.77 37.22
N ASP C 300 -2.74 31.85 38.55
CA ASP C 300 -3.30 32.98 39.29
C ASP C 300 -3.61 34.25 38.46
N TYR C 301 -2.63 34.73 37.69
CA TYR C 301 -2.60 36.06 37.07
C TYR C 301 -2.90 36.10 35.57
N LEU C 302 -2.44 35.07 34.86
CA LEU C 302 -2.69 34.93 33.42
C LEU C 302 -4.16 34.83 33.18
N TYR C 303 -4.83 34.02 34.00
CA TYR C 303 -6.28 33.94 33.99
C TYR C 303 -6.82 35.35 34.04
N LYS C 304 -6.53 36.02 35.15
CA LYS C 304 -6.93 37.40 35.36
C LYS C 304 -6.74 38.31 34.14
N ARG C 305 -5.49 38.50 33.73
CA ARG C 305 -5.14 39.38 32.62
C ARG C 305 -5.95 39.06 31.35
N LEU C 306 -6.34 37.79 31.21
CA LEU C 306 -7.08 37.30 30.06
C LEU C 306 -8.58 37.42 30.30
N SER C 307 -9.02 36.86 31.43
CA SER C 307 -10.41 36.93 31.90
C SER C 307 -10.98 38.37 31.98
N GLU C 308 -10.15 39.37 31.69
CA GLU C 308 -10.58 40.75 31.74
C GLU C 308 -10.72 41.39 30.35
N ILE C 309 -10.13 40.77 29.34
CA ILE C 309 -10.30 41.22 27.96
C ILE C 309 -11.46 40.45 27.37
N VAL C 310 -11.91 39.44 28.10
CA VAL C 310 -13.11 38.71 27.73
C VAL C 310 -14.32 39.46 28.25
N ALA C 311 -14.35 39.69 29.56
CA ALA C 311 -15.49 40.27 30.27
C ALA C 311 -16.27 41.34 29.48
N PRO C 312 -15.56 42.32 28.89
CA PRO C 312 -16.10 43.45 28.13
C PRO C 312 -16.59 43.18 26.69
N LEU C 313 -16.28 42.03 26.11
CA LEU C 313 -16.74 41.73 24.76
C LEU C 313 -18.02 40.89 24.81
N LEU C 314 -18.44 40.49 26.00
CA LEU C 314 -19.62 39.64 26.18
C LEU C 314 -20.92 40.44 26.34
N VAL C 315 -21.23 41.22 25.29
CA VAL C 315 -22.43 42.05 25.25
C VAL C 315 -23.20 41.87 23.92
N GLY C 316 -24.52 41.94 23.99
CA GLY C 316 -25.32 41.77 22.79
C GLY C 316 -25.86 40.36 22.64
N PRO C 317 -25.99 39.89 21.38
CA PRO C 317 -26.55 38.57 21.08
C PRO C 317 -25.63 37.47 21.60
N ILE C 318 -24.34 37.79 21.74
CA ILE C 318 -23.33 36.84 22.15
C ILE C 318 -23.66 36.18 23.49
N ARG C 319 -24.13 36.96 24.44
CA ARG C 319 -24.56 36.45 25.74
C ARG C 319 -25.60 35.32 25.63
N ASN C 320 -26.27 35.26 24.49
CA ASN C 320 -27.36 34.30 24.29
C ASN C 320 -26.88 32.93 23.77
N THR C 321 -26.08 32.96 22.72
CA THR C 321 -25.58 31.76 22.06
C THR C 321 -25.09 30.65 23.01
N PRO C 322 -25.01 29.41 22.50
CA PRO C 322 -24.53 28.29 23.32
C PRO C 322 -23.16 28.61 23.86
N HIS C 323 -22.25 29.00 22.98
CA HIS C 323 -20.89 29.28 23.39
C HIS C 323 -20.71 30.46 24.37
N GLY C 324 -21.50 31.52 24.20
CA GLY C 324 -21.43 32.64 25.12
C GLY C 324 -21.89 32.26 26.51
N LYS C 325 -22.95 31.46 26.60
CA LYS C 325 -23.47 30.99 27.87
C LYS C 325 -22.38 30.28 28.68
N ARG C 326 -21.60 29.45 27.98
CA ARG C 326 -20.54 28.66 28.58
C ARG C 326 -19.35 29.52 28.98
N ILE C 327 -18.89 30.36 28.06
CA ILE C 327 -17.83 31.33 28.32
C ILE C 327 -18.04 32.18 29.58
N ILE C 328 -19.28 32.52 29.88
CA ILE C 328 -19.50 33.39 31.03
C ILE C 328 -19.37 32.60 32.32
N GLY C 329 -19.70 31.32 32.25
CA GLY C 329 -19.52 30.43 33.39
C GLY C 329 -18.07 30.43 33.82
N MET C 330 -17.16 30.49 32.85
CA MET C 330 -15.72 30.49 33.10
C MET C 330 -15.26 31.73 33.89
N LEU C 331 -15.90 32.86 33.63
CA LEU C 331 -15.36 34.16 34.00
C LEU C 331 -15.16 34.48 35.49
N HIS C 332 -16.10 34.09 36.34
CA HIS C 332 -15.92 34.40 37.76
C HIS C 332 -15.72 33.16 38.62
N LEU C 333 -14.52 32.61 38.55
CA LEU C 333 -14.21 31.38 39.25
C LEU C 333 -13.08 31.63 40.26
N ASP D 33 36.40 -16.52 -26.75
CA ASP D 33 35.92 -15.63 -27.79
C ASP D 33 36.24 -16.18 -29.18
N ILE D 34 35.47 -15.73 -30.16
CA ILE D 34 35.55 -16.22 -31.52
C ILE D 34 34.93 -17.62 -31.66
N LEU D 35 34.09 -17.77 -32.68
CA LEU D 35 33.42 -19.03 -33.05
C LEU D 35 34.35 -20.25 -32.99
N GLY D 36 33.80 -21.46 -32.93
CA GLY D 36 34.65 -22.65 -32.81
C GLY D 36 33.94 -23.97 -32.99
N SER D 37 33.78 -24.40 -34.24
CA SER D 37 33.13 -25.66 -34.56
C SER D 37 33.66 -26.83 -33.73
N LYS D 38 34.98 -26.85 -33.53
CA LYS D 38 35.62 -27.91 -32.76
C LYS D 38 36.43 -27.35 -31.59
N ALA D 39 36.41 -26.03 -31.43
CA ALA D 39 37.15 -25.38 -30.36
C ALA D 39 36.29 -25.26 -29.12
N ALA D 40 34.98 -25.08 -29.33
CA ALA D 40 34.05 -24.99 -28.23
C ALA D 40 33.80 -26.36 -27.62
N ASP D 41 34.56 -27.35 -28.08
CA ASP D 41 34.58 -28.67 -27.43
C ASP D 41 35.66 -28.63 -26.36
N ALA D 42 36.71 -27.87 -26.64
CA ALA D 42 37.81 -27.69 -25.71
C ALA D 42 37.31 -26.90 -24.52
N ILE D 43 37.25 -25.60 -24.71
CA ILE D 43 36.66 -24.68 -23.75
C ILE D 43 35.61 -25.39 -22.92
N PHE D 44 34.74 -26.15 -23.58
CA PHE D 44 33.69 -26.87 -22.88
C PHE D 44 34.22 -27.83 -21.83
N GLU D 45 34.91 -28.88 -22.27
CA GLU D 45 35.39 -29.92 -21.36
C GLU D 45 36.30 -29.36 -20.26
N GLU D 46 36.66 -28.07 -20.37
CA GLU D 46 37.48 -27.39 -19.38
C GLU D 46 36.64 -26.59 -18.40
N THR D 47 35.93 -25.61 -18.92
CA THR D 47 35.13 -24.69 -18.11
C THR D 47 33.86 -25.33 -17.58
N LYS D 48 33.48 -26.49 -18.13
CA LYS D 48 32.26 -27.16 -17.71
C LYS D 48 32.22 -27.42 -16.20
N ASP D 49 33.30 -27.09 -15.50
CA ASP D 49 33.39 -27.36 -14.08
C ASP D 49 33.21 -26.08 -13.27
N TYR D 50 33.32 -24.93 -13.93
CA TYR D 50 33.25 -23.67 -13.22
C TYR D 50 32.05 -22.85 -13.71
N THR D 51 31.16 -23.52 -14.44
CA THR D 51 30.05 -22.84 -15.08
C THR D 51 29.23 -21.99 -14.12
N VAL D 52 29.02 -22.45 -12.89
CA VAL D 52 28.21 -21.69 -11.97
C VAL D 52 28.84 -20.38 -11.54
N GLU D 53 30.13 -20.36 -11.22
CA GLU D 53 30.70 -19.08 -10.83
C GLU D 53 31.25 -18.30 -12.02
N LEU D 54 31.22 -18.93 -13.19
CA LEU D 54 31.48 -18.21 -14.43
C LEU D 54 30.22 -17.44 -14.83
N MET D 55 29.08 -18.09 -14.67
CA MET D 55 27.78 -17.46 -14.88
C MET D 55 27.64 -16.20 -14.04
N THR D 56 27.93 -16.34 -12.74
CA THR D 56 27.79 -15.24 -11.78
C THR D 56 28.96 -14.26 -11.83
N ASP D 57 29.77 -14.38 -12.87
CA ASP D 57 30.94 -13.52 -13.00
C ASP D 57 30.67 -12.23 -13.77
N SER D 58 31.47 -11.21 -13.44
CA SER D 58 31.33 -9.90 -14.07
C SER D 58 31.77 -9.90 -15.53
N PHE D 59 32.51 -10.95 -15.92
CA PHE D 59 32.99 -11.08 -17.28
C PHE D 59 32.85 -12.52 -17.78
N GLY D 60 32.56 -13.42 -16.85
CA GLY D 60 32.46 -14.84 -17.18
C GLY D 60 31.17 -15.19 -17.90
N ASN D 61 30.06 -14.63 -17.42
CA ASN D 61 28.79 -14.79 -18.08
C ASN D 61 28.89 -14.53 -19.58
N TYR D 62 29.73 -13.57 -19.97
CA TYR D 62 29.85 -13.22 -21.38
C TYR D 62 30.33 -14.40 -22.22
N LEU D 63 31.48 -14.95 -21.86
CA LEU D 63 31.94 -16.17 -22.47
C LEU D 63 30.84 -17.22 -22.47
N ILE D 64 30.25 -17.44 -21.31
CA ILE D 64 29.18 -18.44 -21.20
C ILE D 64 28.02 -18.12 -22.14
N GLN D 65 27.55 -16.88 -22.12
CA GLN D 65 26.44 -16.48 -22.97
C GLN D 65 26.69 -16.96 -24.39
N LYS D 66 27.84 -16.56 -24.92
CA LYS D 66 28.21 -16.91 -26.27
C LYS D 66 28.55 -18.40 -26.40
N LEU D 67 29.09 -18.99 -25.34
CA LEU D 67 29.50 -20.39 -25.38
C LEU D 67 28.34 -21.35 -25.65
N LEU D 68 27.13 -20.97 -25.25
CA LEU D 68 25.96 -21.85 -25.42
C LEU D 68 25.32 -21.67 -26.79
N GLU D 69 25.68 -20.59 -27.48
CA GLU D 69 25.23 -20.37 -28.84
C GLU D 69 26.02 -21.30 -29.73
N GLU D 70 27.28 -21.49 -29.35
CA GLU D 70 28.25 -22.19 -30.19
C GLU D 70 28.27 -23.69 -29.89
N VAL D 71 27.96 -24.03 -28.64
CA VAL D 71 28.06 -25.41 -28.16
C VAL D 71 27.01 -26.33 -28.80
N THR D 72 27.15 -27.63 -28.56
CA THR D 72 26.24 -28.64 -29.09
C THR D 72 25.08 -28.91 -28.12
N THR D 73 24.00 -29.48 -28.64
CA THR D 73 22.88 -29.91 -27.80
C THR D 73 23.35 -30.72 -26.58
N GLU D 74 24.12 -31.77 -26.82
CA GLU D 74 24.65 -32.62 -25.74
C GLU D 74 25.37 -31.78 -24.69
N GLN D 75 26.16 -30.83 -25.17
CA GLN D 75 26.95 -30.01 -24.27
C GLN D 75 26.10 -28.99 -23.51
N ARG D 76 25.07 -28.48 -24.17
CA ARG D 76 24.16 -27.54 -23.52
C ARG D 76 23.36 -28.23 -22.43
N ILE D 77 22.94 -29.46 -22.70
CA ILE D 77 22.19 -30.24 -21.72
C ILE D 77 23.04 -30.54 -20.50
N VAL D 78 24.33 -30.77 -20.72
CA VAL D 78 25.25 -31.05 -19.63
C VAL D 78 25.36 -29.86 -18.67
N LEU D 79 25.56 -28.68 -19.25
CA LEU D 79 25.60 -27.41 -18.52
C LEU D 79 24.31 -27.14 -17.73
N THR D 80 23.17 -27.32 -18.39
CA THR D 80 21.88 -27.21 -17.75
C THR D 80 21.79 -28.06 -16.49
N LYS D 81 22.27 -29.29 -16.57
CA LYS D 81 22.22 -30.21 -15.45
C LYS D 81 23.22 -29.77 -14.39
N ILE D 82 24.29 -29.11 -14.80
CA ILE D 82 25.30 -28.60 -13.87
C ILE D 82 24.80 -27.37 -13.11
N SER D 83 23.98 -26.56 -13.79
CA SER D 83 23.48 -25.34 -13.24
C SER D 83 22.12 -25.51 -12.58
N SER D 84 21.35 -26.52 -12.99
CA SER D 84 20.02 -26.68 -12.39
C SER D 84 19.96 -26.56 -10.87
N PRO D 85 20.94 -27.12 -10.17
CA PRO D 85 20.80 -27.10 -8.71
C PRO D 85 21.03 -25.74 -8.08
N HIS D 86 21.26 -24.71 -8.91
CA HIS D 86 21.68 -23.40 -8.41
C HIS D 86 21.01 -22.23 -9.14
N PHE D 87 19.92 -22.51 -9.83
CA PHE D 87 19.26 -21.49 -10.64
C PHE D 87 18.88 -20.28 -9.82
N VAL D 88 18.53 -20.50 -8.57
CA VAL D 88 18.15 -19.41 -7.68
C VAL D 88 19.30 -18.43 -7.37
N GLU D 89 20.44 -18.91 -6.89
CA GLU D 89 21.57 -18.02 -6.62
C GLU D 89 22.03 -17.39 -7.92
N ILE D 90 21.75 -18.06 -9.03
CA ILE D 90 22.10 -17.60 -10.36
C ILE D 90 21.10 -16.56 -10.88
N SER D 91 19.82 -16.85 -10.71
CA SER D 91 18.78 -15.94 -11.11
C SER D 91 18.92 -14.59 -10.39
N LEU D 92 19.17 -14.64 -9.08
CA LEU D 92 19.30 -13.45 -8.24
C LEU D 92 20.55 -12.63 -8.52
N ASN D 93 21.40 -13.13 -9.39
CA ASN D 93 22.62 -12.40 -9.67
C ASN D 93 22.54 -11.54 -10.92
N PRO D 94 23.13 -10.36 -10.87
CA PRO D 94 23.26 -9.42 -11.98
C PRO D 94 23.71 -10.06 -13.29
N HIS D 95 24.84 -10.75 -13.26
CA HIS D 95 25.35 -11.41 -14.47
C HIS D 95 24.70 -12.77 -14.69
N GLY D 96 24.50 -13.49 -13.59
CA GLY D 96 23.88 -14.80 -13.62
C GLY D 96 22.57 -14.85 -14.39
N CYS D 97 21.65 -13.93 -14.07
CA CYS D 97 20.38 -13.90 -14.78
C CYS D 97 20.60 -13.75 -16.28
N ARG D 98 21.62 -13.00 -16.67
CA ARG D 98 21.87 -12.72 -18.08
C ARG D 98 22.49 -13.90 -18.82
N ALA D 99 23.21 -14.72 -18.08
CA ALA D 99 23.72 -15.98 -18.60
C ALA D 99 22.58 -16.99 -18.68
N LEU D 100 21.87 -17.12 -17.56
CA LEU D 100 20.73 -18.02 -17.46
C LEU D 100 19.64 -17.67 -18.46
N GLN D 101 19.55 -16.39 -18.82
CA GLN D 101 18.53 -15.96 -19.78
C GLN D 101 18.88 -16.53 -21.14
N LYS D 102 20.13 -16.36 -21.54
CA LYS D 102 20.61 -16.90 -22.81
C LYS D 102 20.43 -18.39 -22.86
N LEU D 103 20.64 -19.06 -21.72
CA LEU D 103 20.53 -20.51 -21.66
C LEU D 103 19.17 -20.92 -22.15
N ILE D 104 18.15 -20.23 -21.65
CA ILE D 104 16.77 -20.47 -22.04
C ILE D 104 16.50 -20.05 -23.48
N GLU D 105 17.17 -18.99 -23.94
CA GLU D 105 17.04 -18.61 -25.33
C GLU D 105 17.50 -19.74 -26.26
N CYS D 106 18.37 -20.62 -25.76
CA CYS D 106 18.97 -21.67 -26.59
C CYS D 106 18.32 -23.05 -26.49
N ILE D 107 17.56 -23.31 -25.43
CA ILE D 107 17.11 -24.68 -25.16
C ILE D 107 16.19 -25.23 -26.26
N LYS D 108 16.68 -26.21 -27.02
CA LYS D 108 15.95 -26.72 -28.19
C LYS D 108 15.28 -28.09 -28.01
N THR D 109 15.03 -28.53 -26.77
CA THR D 109 14.41 -29.84 -26.53
C THR D 109 13.39 -29.83 -25.39
N ASP D 110 12.41 -30.71 -25.46
CA ASP D 110 11.42 -30.82 -24.38
C ASP D 110 11.96 -31.59 -23.17
N GLU D 111 13.28 -31.57 -23.03
CA GLU D 111 13.94 -32.05 -21.82
C GLU D 111 14.65 -30.85 -21.22
N GLU D 112 15.47 -30.19 -22.02
CA GLU D 112 16.10 -28.95 -21.58
C GLU D 112 15.06 -28.09 -20.89
N ALA D 113 13.93 -27.90 -21.57
CA ALA D 113 12.83 -27.14 -21.00
C ALA D 113 12.29 -27.86 -19.77
N GLN D 114 12.01 -29.15 -19.90
CA GLN D 114 11.44 -29.90 -18.80
C GLN D 114 12.38 -29.99 -17.60
N ILE D 115 13.56 -29.41 -17.71
CA ILE D 115 14.49 -29.48 -16.60
C ILE D 115 14.43 -28.15 -15.89
N VAL D 116 14.52 -27.10 -16.70
CA VAL D 116 14.37 -25.74 -16.24
C VAL D 116 13.05 -25.54 -15.48
N VAL D 117 11.93 -26.07 -15.96
CA VAL D 117 10.67 -25.85 -15.23
C VAL D 117 10.61 -26.55 -13.87
N ASP D 118 11.35 -27.63 -13.68
CA ASP D 118 11.34 -28.23 -12.36
C ASP D 118 12.23 -27.41 -11.40
N SER D 119 13.30 -26.85 -11.95
CA SER D 119 14.24 -26.06 -11.19
C SER D 119 13.69 -24.72 -10.77
N LEU D 120 12.99 -24.05 -11.68
CA LEU D 120 12.43 -22.71 -11.39
C LEU D 120 11.09 -22.79 -10.67
N ARG D 121 10.39 -23.91 -10.79
CA ARG D 121 9.02 -23.99 -10.27
C ARG D 121 8.84 -23.69 -8.78
N PRO D 122 9.66 -24.31 -7.92
CA PRO D 122 9.37 -24.07 -6.50
C PRO D 122 9.57 -22.61 -6.08
N TYR D 123 10.15 -21.80 -6.95
CA TYR D 123 10.57 -20.46 -6.58
C TYR D 123 9.99 -19.36 -7.48
N THR D 124 8.82 -19.59 -8.05
CA THR D 124 8.33 -18.71 -9.09
C THR D 124 8.00 -17.36 -8.51
N VAL D 125 7.13 -17.36 -7.51
CA VAL D 125 6.76 -16.14 -6.81
C VAL D 125 8.02 -15.39 -6.37
N GLN D 126 8.76 -16.01 -5.47
CA GLN D 126 10.04 -15.48 -5.02
C GLN D 126 10.87 -14.80 -6.10
N LEU D 127 11.06 -15.50 -7.22
CA LEU D 127 11.93 -15.07 -8.30
C LEU D 127 11.42 -13.90 -9.16
N SER D 128 10.10 -13.71 -9.16
CA SER D 128 9.47 -12.68 -9.98
C SER D 128 9.48 -11.34 -9.26
N LYS D 129 9.54 -11.41 -7.93
CA LYS D 129 9.75 -10.24 -7.09
C LYS D 129 11.19 -9.74 -7.14
N ASP D 130 12.14 -10.62 -7.48
CA ASP D 130 13.54 -10.20 -7.46
C ASP D 130 13.91 -9.28 -8.60
N LEU D 131 14.61 -8.20 -8.29
CA LEU D 131 15.09 -7.29 -9.31
C LEU D 131 15.68 -8.02 -10.51
N ASN D 132 16.41 -9.11 -10.26
CA ASN D 132 17.08 -9.83 -11.34
C ASN D 132 16.37 -11.12 -11.73
N GLY D 133 15.55 -11.62 -10.83
CA GLY D 133 14.86 -12.88 -11.06
C GLY D 133 13.79 -12.78 -12.11
N ASN D 134 13.06 -11.67 -12.15
CA ASN D 134 11.90 -11.57 -13.03
C ASN D 134 12.28 -11.73 -14.49
N HIS D 135 13.38 -11.11 -14.87
CA HIS D 135 13.81 -11.10 -16.26
C HIS D 135 14.06 -12.52 -16.81
N VAL D 136 14.20 -13.48 -15.89
CA VAL D 136 14.39 -14.88 -16.24
C VAL D 136 13.05 -15.60 -16.30
N ILE D 137 12.22 -15.40 -15.28
CA ILE D 137 10.85 -15.87 -15.35
C ILE D 137 10.13 -15.28 -16.60
N GLN D 138 10.37 -14.00 -16.85
CA GLN D 138 9.86 -13.38 -18.06
C GLN D 138 10.33 -14.09 -19.33
N LYS D 139 11.58 -14.55 -19.34
CA LYS D 139 12.13 -15.16 -20.55
C LYS D 139 11.61 -16.58 -20.77
N CYS D 140 11.31 -17.29 -19.71
CA CYS D 140 10.58 -18.55 -19.84
C CYS D 140 9.27 -18.32 -20.58
N LEU D 141 8.65 -17.15 -20.37
CA LEU D 141 7.38 -16.80 -21.03
C LEU D 141 7.61 -16.57 -22.52
N GLN D 142 8.58 -15.72 -22.83
CA GLN D 142 8.93 -15.44 -24.21
C GLN D 142 9.31 -16.68 -25.04
N ARG D 143 10.22 -17.52 -24.54
CA ARG D 143 10.84 -18.57 -25.36
C ARG D 143 10.21 -19.98 -25.27
N LEU D 144 9.76 -20.37 -24.07
CA LEU D 144 9.14 -21.67 -23.87
C LEU D 144 7.76 -21.76 -24.49
N LYS D 145 7.33 -22.99 -24.73
CA LYS D 145 5.97 -23.28 -25.15
C LYS D 145 5.04 -23.19 -23.94
N PRO D 146 3.79 -22.78 -24.18
CA PRO D 146 2.73 -22.57 -23.19
C PRO D 146 2.47 -23.75 -22.28
N GLU D 147 2.64 -24.96 -22.81
CA GLU D 147 2.39 -26.17 -22.03
C GLU D 147 3.51 -26.31 -21.02
N ASN D 148 4.65 -25.76 -21.38
CA ASN D 148 5.84 -25.70 -20.53
C ASN D 148 5.68 -24.66 -19.43
N PHE D 149 5.62 -23.38 -19.81
CA PHE D 149 5.49 -22.31 -18.82
C PHE D 149 4.21 -22.33 -17.95
N GLN D 150 3.28 -23.22 -18.23
CA GLN D 150 2.10 -23.38 -17.38
C GLN D 150 2.34 -23.19 -15.85
N PHE D 151 3.48 -23.68 -15.36
CA PHE D 151 3.78 -23.68 -13.92
C PHE D 151 3.82 -22.27 -13.32
N ILE D 152 4.34 -21.32 -14.12
CA ILE D 152 4.31 -19.89 -13.86
C ILE D 152 2.88 -19.35 -13.69
N PHE D 153 2.01 -19.63 -14.65
CA PHE D 153 0.64 -19.18 -14.58
C PHE D 153 -0.05 -19.67 -13.33
N ASP D 154 0.29 -20.87 -12.90
CA ASP D 154 -0.29 -21.46 -11.70
C ASP D 154 0.34 -20.85 -10.45
N ALA D 155 1.63 -20.59 -10.54
CA ALA D 155 2.37 -20.01 -9.44
C ALA D 155 1.76 -18.66 -9.16
N ILE D 156 1.60 -17.85 -10.22
CA ILE D 156 1.04 -16.50 -10.11
C ILE D 156 -0.43 -16.44 -9.73
N SER D 157 -1.27 -17.11 -10.51
CA SER D 157 -2.66 -17.20 -10.13
C SER D 157 -2.88 -17.31 -8.62
N ASP D 158 -1.99 -18.03 -7.94
CA ASP D 158 -2.16 -18.29 -6.51
C ASP D 158 -1.89 -17.07 -5.66
N SER D 159 -0.78 -16.41 -5.95
CA SER D 159 -0.38 -15.17 -5.30
C SER D 159 -0.74 -14.02 -6.22
N CYS D 160 -2.01 -13.92 -6.56
CA CYS D 160 -2.39 -13.06 -7.65
C CYS D 160 -2.16 -11.62 -7.28
N ILE D 161 -2.71 -11.25 -6.12
CA ILE D 161 -2.66 -9.88 -5.64
C ILE D 161 -1.24 -9.34 -5.34
N ASP D 162 -0.33 -10.12 -4.77
CA ASP D 162 1.02 -9.57 -4.49
C ASP D 162 2.03 -9.55 -5.63
N ILE D 163 1.81 -10.39 -6.62
CA ILE D 163 2.64 -10.33 -7.81
C ILE D 163 2.11 -9.19 -8.67
N ALA D 164 0.81 -8.98 -8.60
CA ALA D 164 0.17 -7.89 -9.32
C ALA D 164 0.49 -6.50 -8.71
N THR D 165 0.61 -6.44 -7.38
CA THR D 165 0.88 -5.16 -6.73
C THR D 165 2.33 -4.98 -6.35
N HIS D 166 3.25 -5.39 -7.21
CA HIS D 166 4.66 -5.49 -6.82
C HIS D 166 5.58 -4.89 -7.86
N ARG D 167 6.46 -3.98 -7.48
CA ARG D 167 7.33 -3.29 -8.46
C ARG D 167 7.75 -4.16 -9.64
N HIS D 168 8.01 -5.43 -9.33
CA HIS D 168 8.66 -6.36 -10.22
C HIS D 168 7.72 -7.45 -10.66
N GLY D 169 7.14 -8.15 -9.69
CA GLY D 169 6.16 -9.18 -9.96
C GLY D 169 5.06 -8.76 -10.92
N CYS D 170 4.74 -7.47 -10.95
CA CYS D 170 3.71 -7.00 -11.87
C CYS D 170 4.16 -7.11 -13.32
N ARG D 171 5.38 -6.66 -13.64
CA ARG D 171 5.87 -6.77 -15.01
C ARG D 171 5.77 -8.21 -15.55
N VAL D 172 6.06 -9.18 -14.69
CA VAL D 172 5.79 -10.58 -15.00
C VAL D 172 4.34 -10.76 -15.50
N LEU D 173 3.34 -10.45 -14.68
CA LEU D 173 1.93 -10.48 -15.12
C LEU D 173 1.68 -9.95 -16.53
N GLN D 174 2.28 -8.81 -16.87
CA GLN D 174 2.06 -8.21 -18.16
C GLN D 174 2.59 -9.13 -19.23
N ARG D 175 3.79 -9.64 -18.99
CA ARG D 175 4.47 -10.53 -19.90
C ARG D 175 3.71 -11.85 -20.05
N CYS D 176 2.93 -12.24 -19.05
CA CYS D 176 2.05 -13.39 -19.23
C CYS D 176 0.95 -13.07 -20.24
N LEU D 177 0.38 -11.88 -20.15
CA LEU D 177 -0.71 -11.50 -21.05
C LEU D 177 -0.17 -11.35 -22.48
N ASP D 178 1.13 -11.09 -22.58
CA ASP D 178 1.83 -11.00 -23.87
C ASP D 178 2.07 -12.33 -24.58
N HIS D 179 2.15 -13.43 -23.82
CA HIS D 179 2.60 -14.71 -24.40
C HIS D 179 1.76 -15.92 -24.03
N GLY D 180 0.87 -15.78 -23.06
CA GLY D 180 0.05 -16.89 -22.64
C GLY D 180 -1.06 -17.28 -23.60
N THR D 181 -1.99 -18.08 -23.09
CA THR D 181 -3.03 -18.68 -23.91
C THR D 181 -4.37 -17.96 -23.69
N THR D 182 -5.25 -17.94 -24.68
CA THR D 182 -6.57 -17.42 -24.41
C THR D 182 -7.20 -18.15 -23.24
N GLU D 183 -6.76 -19.38 -22.98
CA GLU D 183 -7.25 -20.15 -21.84
C GLU D 183 -6.52 -19.71 -20.59
N GLN D 184 -5.21 -19.64 -20.71
CA GLN D 184 -4.34 -19.18 -19.64
C GLN D 184 -4.61 -17.70 -19.21
N CYS D 185 -4.45 -16.77 -20.16
CA CYS D 185 -4.74 -15.37 -19.93
C CYS D 185 -6.15 -15.11 -19.35
N ASP D 186 -7.07 -16.04 -19.56
CA ASP D 186 -8.42 -15.88 -19.07
C ASP D 186 -8.64 -16.24 -17.61
N ASN D 187 -8.09 -17.36 -17.17
CA ASN D 187 -8.28 -17.76 -15.79
C ASN D 187 -7.57 -16.75 -14.92
N LEU D 188 -6.54 -16.13 -15.48
CA LEU D 188 -5.71 -15.17 -14.74
C LEU D 188 -6.50 -13.91 -14.53
N CYS D 189 -7.05 -13.38 -15.64
CA CYS D 189 -7.89 -12.20 -15.65
C CYS D 189 -9.15 -12.32 -14.80
N ASP D 190 -9.69 -13.52 -14.64
CA ASP D 190 -10.80 -13.68 -13.72
C ASP D 190 -10.33 -13.52 -12.26
N LYS D 191 -9.05 -13.78 -12.02
CA LYS D 191 -8.49 -13.57 -10.69
C LYS D 191 -8.15 -12.10 -10.47
N LEU D 192 -7.61 -11.46 -11.50
CA LEU D 192 -7.29 -10.04 -11.47
C LEU D 192 -8.55 -9.15 -11.38
N LEU D 193 -9.60 -9.53 -12.08
CA LEU D 193 -10.79 -8.72 -12.12
C LEU D 193 -11.54 -8.77 -10.80
N ALA D 194 -11.19 -9.66 -9.90
CA ALA D 194 -11.86 -9.69 -8.60
C ALA D 194 -11.25 -8.72 -7.54
N LEU D 195 -10.30 -7.89 -7.97
CA LEU D 195 -9.57 -7.03 -7.08
C LEU D 195 -9.30 -5.73 -7.77
N VAL D 196 -10.07 -5.41 -8.80
CA VAL D 196 -9.73 -4.24 -9.61
C VAL D 196 -10.01 -2.91 -8.84
N ASP D 197 -10.83 -3.02 -7.80
CA ASP D 197 -10.90 -1.98 -6.80
C ASP D 197 -9.48 -1.72 -6.33
N LYS D 198 -8.91 -2.69 -5.61
CA LYS D 198 -7.60 -2.55 -4.99
C LYS D 198 -6.53 -2.32 -6.05
N LEU D 199 -6.73 -2.87 -7.24
CA LEU D 199 -5.72 -2.88 -8.29
C LEU D 199 -5.62 -1.55 -9.03
N THR D 200 -6.75 -0.87 -9.13
CA THR D 200 -6.77 0.44 -9.79
C THR D 200 -6.09 1.48 -8.90
N LEU D 201 -6.33 1.39 -7.60
CA LEU D 201 -5.70 2.28 -6.61
C LEU D 201 -4.19 2.07 -6.38
N ASP D 202 -3.74 0.81 -6.42
CA ASP D 202 -2.32 0.44 -6.24
C ASP D 202 -1.38 1.12 -7.25
N PRO D 203 -0.15 1.48 -6.83
CA PRO D 203 0.86 2.15 -7.64
C PRO D 203 1.49 1.26 -8.72
N PHE D 204 1.18 -0.04 -8.68
CA PHE D 204 1.74 -1.03 -9.60
C PHE D 204 0.67 -1.80 -10.36
N GLY D 205 -0.27 -2.37 -9.60
CA GLY D 205 -1.47 -2.98 -10.17
C GLY D 205 -2.29 -2.11 -11.10
N ASN D 206 -2.29 -0.80 -10.86
CA ASN D 206 -2.97 0.10 -11.75
C ASN D 206 -2.30 0.13 -13.13
N TYR D 207 -1.15 -0.49 -13.27
CA TYR D 207 -0.54 -0.61 -14.59
C TYR D 207 -1.02 -1.88 -15.28
N VAL D 208 -1.30 -2.89 -14.45
CA VAL D 208 -1.83 -4.16 -14.90
C VAL D 208 -3.22 -3.97 -15.51
N VAL D 209 -4.11 -3.36 -14.73
CA VAL D 209 -5.45 -3.04 -15.22
C VAL D 209 -5.37 -2.31 -16.55
N GLN D 210 -4.47 -1.34 -16.67
CA GLN D 210 -4.37 -0.65 -17.94
C GLN D 210 -3.94 -1.58 -19.04
N TYR D 211 -3.12 -2.58 -18.70
CA TYR D 211 -2.55 -3.45 -19.71
C TYR D 211 -3.60 -4.34 -20.35
N ILE D 212 -4.37 -5.04 -19.53
CA ILE D 212 -5.52 -5.76 -20.05
C ILE D 212 -6.18 -4.99 -21.21
N ILE D 213 -6.68 -3.81 -20.85
CA ILE D 213 -7.28 -2.90 -21.82
C ILE D 213 -6.32 -2.58 -22.97
N THR D 214 -5.05 -2.35 -22.69
CA THR D 214 -4.13 -2.02 -23.76
C THR D 214 -4.03 -3.18 -24.75
N LYS D 215 -4.05 -4.41 -24.23
CA LYS D 215 -3.80 -5.62 -25.03
C LYS D 215 -5.00 -6.06 -25.87
N GLU D 216 -6.17 -6.15 -25.25
CA GLU D 216 -7.39 -6.37 -25.99
C GLU D 216 -7.48 -5.38 -27.14
N ALA D 217 -7.28 -4.11 -26.87
CA ALA D 217 -7.39 -3.11 -27.91
C ALA D 217 -6.27 -3.17 -28.96
N GLU D 218 -5.35 -4.13 -28.84
CA GLU D 218 -4.44 -4.47 -29.94
C GLU D 218 -5.14 -5.51 -30.80
N LYS D 219 -5.81 -6.42 -30.11
CA LYS D 219 -6.54 -7.51 -30.75
C LYS D 219 -7.84 -7.02 -31.38
N ASN D 220 -8.26 -5.83 -30.98
CA ASN D 220 -9.59 -5.32 -31.29
C ASN D 220 -10.72 -6.22 -30.80
N LYS D 221 -10.45 -6.99 -29.75
CA LYS D 221 -11.40 -8.01 -29.33
C LYS D 221 -11.58 -7.99 -27.81
N TYR D 222 -12.68 -7.39 -27.37
CA TYR D 222 -12.85 -6.97 -25.97
C TYR D 222 -13.76 -7.88 -25.14
N ASP D 223 -13.22 -8.32 -24.02
CA ASP D 223 -13.90 -9.22 -23.11
C ASP D 223 -13.78 -8.68 -21.69
N TYR D 224 -12.55 -8.39 -21.30
CA TYR D 224 -12.33 -7.94 -19.93
C TYR D 224 -12.47 -6.45 -19.82
N THR D 225 -12.02 -5.72 -20.84
CA THR D 225 -12.24 -4.28 -20.88
C THR D 225 -13.66 -3.90 -20.48
N HIS D 226 -14.67 -4.55 -21.09
CA HIS D 226 -16.03 -4.22 -20.71
C HIS D 226 -16.29 -4.51 -19.25
N LYS D 227 -15.98 -5.73 -18.83
CA LYS D 227 -16.14 -6.14 -17.45
C LYS D 227 -15.40 -5.21 -16.50
N ILE D 228 -14.25 -4.68 -16.93
CA ILE D 228 -13.47 -3.76 -16.10
C ILE D 228 -14.24 -2.49 -15.87
N VAL D 229 -14.66 -1.86 -16.95
CA VAL D 229 -15.42 -0.63 -16.94
C VAL D 229 -16.70 -0.79 -16.17
N HIS D 230 -17.36 -1.93 -16.31
CA HIS D 230 -18.70 -2.10 -15.73
C HIS D 230 -18.59 -1.97 -14.21
N LEU D 231 -17.41 -2.28 -13.71
CA LEU D 231 -17.16 -2.40 -12.29
C LEU D 231 -16.71 -1.07 -11.77
N LEU D 232 -15.86 -0.43 -12.58
CA LEU D 232 -15.20 0.80 -12.26
C LEU D 232 -16.15 1.97 -12.42
N LYS D 233 -16.58 2.22 -13.65
CA LYS D 233 -17.40 3.41 -13.99
C LYS D 233 -18.25 3.96 -12.83
N PRO D 234 -19.08 3.09 -12.22
CA PRO D 234 -19.92 3.59 -11.13
C PRO D 234 -19.18 4.55 -10.19
N ARG D 235 -17.91 4.26 -9.92
CA ARG D 235 -17.05 5.10 -9.09
C ARG D 235 -16.08 5.98 -9.90
N ALA D 236 -16.56 6.57 -10.99
CA ALA D 236 -15.70 7.30 -11.92
C ALA D 236 -15.10 8.56 -11.34
N ILE D 237 -15.89 9.32 -10.60
CA ILE D 237 -15.40 10.60 -10.13
C ILE D 237 -14.33 10.35 -9.08
N GLU D 238 -14.71 9.53 -8.11
CA GLU D 238 -13.85 9.11 -7.01
C GLU D 238 -12.47 8.72 -7.51
N LEU D 239 -12.42 8.01 -8.62
CA LEU D 239 -11.17 7.43 -9.11
C LEU D 239 -10.36 8.40 -9.96
N SER D 240 -11.05 9.41 -10.48
CA SER D 240 -10.42 10.39 -11.37
C SER D 240 -9.55 11.35 -10.59
N ILE D 241 -9.89 11.54 -9.32
CA ILE D 241 -9.12 12.41 -8.44
C ILE D 241 -8.11 11.61 -7.64
N HIS D 242 -8.26 10.30 -7.65
CA HIS D 242 -7.27 9.47 -7.00
C HIS D 242 -5.98 9.39 -7.79
N LYS D 243 -4.86 9.46 -7.07
CA LYS D 243 -3.53 9.58 -7.67
C LYS D 243 -3.22 8.57 -8.78
N PHE D 244 -3.59 7.30 -8.55
CA PHE D 244 -3.30 6.21 -9.48
C PHE D 244 -4.54 5.88 -10.32
N GLY D 245 -5.66 5.58 -9.65
CA GLY D 245 -6.94 5.42 -10.31
C GLY D 245 -7.17 6.38 -11.48
N SER D 246 -6.87 7.64 -11.26
CA SER D 246 -6.99 8.64 -12.31
C SER D 246 -6.27 8.28 -13.61
N ASN D 247 -5.53 7.17 -13.63
CA ASN D 247 -4.79 6.82 -14.82
C ASN D 247 -5.51 5.71 -15.57
N VAL D 248 -6.21 4.89 -14.81
CA VAL D 248 -7.08 3.87 -15.36
C VAL D 248 -8.23 4.57 -16.08
N ILE D 249 -8.83 5.55 -15.41
CA ILE D 249 -9.95 6.32 -15.91
C ILE D 249 -9.56 7.06 -17.18
N GLU D 250 -8.32 7.53 -17.25
CA GLU D 250 -7.83 8.21 -18.44
C GLU D 250 -7.62 7.22 -19.56
N LYS D 251 -7.31 5.97 -19.20
CA LYS D 251 -7.13 4.88 -20.16
C LYS D 251 -8.44 4.61 -20.83
N ILE D 252 -9.46 4.34 -20.03
CA ILE D 252 -10.81 4.16 -20.55
C ILE D 252 -11.24 5.26 -21.52
N LEU D 253 -11.10 6.50 -21.09
CA LEU D 253 -11.36 7.64 -21.96
C LEU D 253 -10.64 7.49 -23.27
N LYS D 254 -9.39 7.06 -23.23
CA LYS D 254 -8.63 7.04 -24.46
C LYS D 254 -8.98 5.82 -25.29
N THR D 255 -9.75 4.93 -24.69
CA THR D 255 -10.10 3.68 -25.36
C THR D 255 -11.45 3.83 -26.08
N ALA D 256 -11.36 3.98 -27.40
CA ALA D 256 -12.51 4.30 -28.27
C ALA D 256 -13.85 3.61 -27.96
N ILE D 257 -13.81 2.31 -27.75
CA ILE D 257 -15.04 1.55 -27.62
C ILE D 257 -15.69 1.78 -26.26
N VAL D 258 -15.05 2.59 -25.42
CA VAL D 258 -15.58 2.84 -24.07
C VAL D 258 -15.63 4.30 -23.64
N SER D 259 -14.94 5.18 -24.36
CA SER D 259 -14.99 6.63 -24.10
C SER D 259 -16.37 7.09 -23.69
N GLU D 260 -17.27 7.11 -24.67
CA GLU D 260 -18.57 7.75 -24.52
C GLU D 260 -19.35 7.34 -23.29
N PRO D 261 -19.49 6.02 -23.07
CA PRO D 261 -20.19 5.64 -21.84
C PRO D 261 -19.54 6.22 -20.59
N MET D 262 -18.22 6.35 -20.58
CA MET D 262 -17.50 6.90 -19.44
C MET D 262 -17.74 8.39 -19.30
N ILE D 263 -17.59 9.13 -20.39
CA ILE D 263 -17.94 10.54 -20.44
C ILE D 263 -19.38 10.78 -19.98
N LEU D 264 -20.32 9.96 -20.45
CA LEU D 264 -21.69 10.00 -19.98
C LEU D 264 -21.84 9.70 -18.48
N GLU D 265 -20.87 9.01 -17.88
CA GLU D 265 -20.96 8.74 -16.43
C GLU D 265 -20.70 10.01 -15.66
N ILE D 266 -19.62 10.68 -16.04
CA ILE D 266 -19.25 11.98 -15.53
C ILE D 266 -20.38 13.00 -15.68
N LEU D 267 -20.98 13.09 -16.87
CA LEU D 267 -22.09 14.02 -17.09
C LEU D 267 -23.25 13.61 -16.21
N ASN D 268 -23.70 12.37 -16.39
CA ASN D 268 -24.84 11.90 -15.64
C ASN D 268 -24.62 12.01 -14.14
N ASN D 269 -23.60 11.31 -13.65
CA ASN D 269 -23.34 11.23 -12.22
C ASN D 269 -22.24 12.14 -11.67
N GLY D 270 -21.29 12.53 -12.49
CA GLY D 270 -20.32 13.52 -12.01
C GLY D 270 -20.96 14.90 -11.90
N GLY D 271 -22.27 14.92 -11.67
CA GLY D 271 -23.05 16.13 -11.64
C GLY D 271 -22.42 17.29 -12.40
N GLU D 272 -22.83 18.50 -12.01
CA GLU D 272 -22.10 19.73 -12.34
C GLU D 272 -21.13 19.94 -11.19
N THR D 273 -21.42 19.22 -10.10
CA THR D 273 -20.54 19.12 -8.96
C THR D 273 -19.29 18.33 -9.28
N GLY D 274 -19.49 17.04 -9.54
CA GLY D 274 -18.39 16.14 -9.81
C GLY D 274 -17.41 16.76 -10.79
N ILE D 275 -17.89 17.65 -11.66
CA ILE D 275 -16.98 18.28 -12.60
C ILE D 275 -16.23 19.46 -11.96
N GLN D 276 -16.76 19.96 -10.86
CA GLN D 276 -16.08 21.00 -10.09
C GLN D 276 -14.89 20.33 -9.46
N SER D 277 -15.17 19.20 -8.81
CA SER D 277 -14.12 18.34 -8.25
C SER D 277 -12.98 18.10 -9.24
N LEU D 278 -13.32 17.69 -10.45
CA LEU D 278 -12.33 17.39 -11.47
C LEU D 278 -11.46 18.60 -11.78
N LEU D 279 -12.13 19.75 -11.84
CA LEU D 279 -11.48 21.00 -12.18
C LEU D 279 -10.39 21.40 -11.19
N ASN D 280 -10.68 21.27 -9.90
CA ASN D 280 -9.82 21.88 -8.90
C ASN D 280 -8.71 20.96 -8.41
N ASP D 281 -8.96 19.66 -8.47
CA ASP D 281 -8.01 18.68 -7.94
C ASP D 281 -6.82 18.39 -8.85
N SER D 282 -5.71 17.96 -8.25
CA SER D 282 -4.46 17.78 -8.98
C SER D 282 -4.50 16.63 -9.99
N TYR D 283 -5.40 15.67 -9.76
CA TYR D 283 -5.52 14.51 -10.63
C TYR D 283 -6.70 14.65 -11.57
N GLY D 284 -7.91 14.74 -11.00
CA GLY D 284 -9.10 15.00 -11.78
C GLY D 284 -8.86 15.98 -12.91
N ASN D 285 -8.18 17.07 -12.58
CA ASN D 285 -7.78 18.05 -13.58
C ASN D 285 -7.51 17.40 -14.95
N TYR D 286 -6.58 16.45 -14.98
CA TYR D 286 -6.12 15.81 -16.20
C TYR D 286 -7.18 14.92 -16.83
N VAL D 287 -7.89 14.17 -16.00
CA VAL D 287 -9.04 13.43 -16.47
C VAL D 287 -9.95 14.34 -17.29
N LEU D 288 -10.41 15.41 -16.65
CA LEU D 288 -11.26 16.41 -17.28
C LEU D 288 -10.70 16.96 -18.59
N GLN D 289 -9.40 17.15 -18.66
CA GLN D 289 -8.80 17.64 -19.89
C GLN D 289 -8.80 16.56 -20.96
N THR D 290 -8.62 15.30 -20.54
CA THR D 290 -8.65 14.18 -21.47
C THR D 290 -10.08 14.03 -21.97
N ALA D 291 -11.05 14.09 -21.05
CA ALA D 291 -12.44 14.02 -21.47
C ALA D 291 -12.73 15.03 -22.58
N LEU D 292 -12.41 16.31 -22.36
CA LEU D 292 -12.68 17.34 -23.35
C LEU D 292 -11.95 17.06 -24.66
N ASP D 293 -10.68 16.72 -24.56
CA ASP D 293 -9.88 16.43 -25.72
C ASP D 293 -10.50 15.32 -26.58
N ILE D 294 -10.94 14.25 -25.95
CA ILE D 294 -11.48 13.13 -26.71
C ILE D 294 -12.81 13.55 -27.32
N SER D 295 -13.84 13.68 -26.48
CA SER D 295 -15.20 14.01 -26.92
C SER D 295 -15.22 14.99 -28.11
N HIS D 296 -14.45 16.06 -28.01
CA HIS D 296 -14.27 16.94 -29.15
C HIS D 296 -14.09 16.11 -30.42
N LYS D 297 -13.02 15.33 -30.47
CA LYS D 297 -12.73 14.43 -31.60
C LYS D 297 -13.76 13.31 -31.74
N GLN D 298 -14.20 12.76 -30.62
CA GLN D 298 -15.05 11.57 -30.60
C GLN D 298 -16.51 11.84 -30.89
N ASN D 299 -17.09 12.82 -30.21
CA ASN D 299 -18.53 13.04 -30.31
C ASN D 299 -18.97 14.50 -30.30
N ASP D 300 -19.17 15.00 -31.52
CA ASP D 300 -19.84 16.27 -31.81
C ASP D 300 -20.54 16.95 -30.61
N TYR D 301 -21.38 16.20 -29.90
CA TYR D 301 -22.38 16.73 -28.94
C TYR D 301 -22.03 16.55 -27.48
N LEU D 302 -21.38 15.42 -27.15
CA LEU D 302 -20.93 15.12 -25.80
C LEU D 302 -19.94 16.20 -25.36
N TYR D 303 -19.03 16.54 -26.26
CA TYR D 303 -18.09 17.61 -26.05
C TYR D 303 -18.90 18.80 -25.61
N LYS D 304 -19.77 19.24 -26.52
CA LYS D 304 -20.66 20.35 -26.28
C LYS D 304 -21.31 20.31 -24.90
N ARG D 305 -22.16 19.32 -24.67
CA ARG D 305 -22.91 19.21 -23.42
C ARG D 305 -22.00 19.30 -22.19
N LEU D 306 -20.74 18.89 -22.35
CA LEU D 306 -19.76 18.89 -21.27
C LEU D 306 -19.04 20.24 -21.24
N SER D 307 -18.51 20.61 -22.40
CA SER D 307 -17.78 21.87 -22.63
C SER D 307 -18.57 23.11 -22.19
N GLU D 308 -19.81 22.89 -21.74
CA GLU D 308 -20.69 23.97 -21.32
C GLU D 308 -20.91 24.02 -19.81
N ILE D 309 -20.61 22.92 -19.13
CA ILE D 309 -20.68 22.92 -17.68
C ILE D 309 -19.31 23.29 -17.14
N VAL D 310 -18.34 23.31 -18.06
CA VAL D 310 -17.01 23.77 -17.73
C VAL D 310 -16.96 25.28 -17.82
N ALA D 311 -17.28 25.79 -19.00
CA ALA D 311 -17.19 27.23 -19.30
C ALA D 311 -17.47 28.16 -18.09
N PRO D 312 -18.62 27.96 -17.41
CA PRO D 312 -19.10 28.77 -16.28
C PRO D 312 -18.38 28.58 -14.94
N LEU D 313 -17.55 27.56 -14.78
CA LEU D 313 -16.83 27.37 -13.52
C LEU D 313 -15.42 27.99 -13.58
N LEU D 314 -15.00 28.41 -14.76
CA LEU D 314 -13.66 28.96 -14.96
C LEU D 314 -13.58 30.46 -14.68
N VAL D 315 -13.89 30.82 -13.43
CA VAL D 315 -13.84 32.20 -12.98
C VAL D 315 -13.06 32.32 -11.67
N GLY D 316 -12.33 33.42 -11.51
CA GLY D 316 -11.57 33.67 -10.30
C GLY D 316 -10.10 33.30 -10.46
N PRO D 317 -9.48 32.80 -9.38
CA PRO D 317 -8.06 32.43 -9.38
C PRO D 317 -7.81 31.29 -10.34
N ILE D 318 -8.85 30.51 -10.59
CA ILE D 318 -8.74 29.28 -11.38
C ILE D 318 -8.21 29.56 -12.79
N ARG D 319 -8.70 30.63 -13.41
CA ARG D 319 -8.22 31.07 -14.72
C ARG D 319 -6.70 31.28 -14.78
N ASN D 320 -6.09 31.46 -13.60
CA ASN D 320 -4.67 31.76 -13.51
C ASN D 320 -3.80 30.50 -13.51
N THR D 321 -4.15 29.56 -12.64
CA THR D 321 -3.37 28.33 -12.42
C THR D 321 -2.90 27.63 -13.71
N PRO D 322 -1.88 26.76 -13.58
CA PRO D 322 -1.37 26.02 -14.74
C PRO D 322 -2.52 25.28 -15.40
N HIS D 323 -3.23 24.48 -14.59
CA HIS D 323 -4.32 23.67 -15.10
C HIS D 323 -5.48 24.46 -15.73
N GLY D 324 -5.84 25.59 -15.13
CA GLY D 324 -6.91 26.42 -15.70
C GLY D 324 -6.55 26.96 -17.08
N LYS D 325 -5.29 27.38 -17.21
CA LYS D 325 -4.78 27.92 -18.46
C LYS D 325 -4.97 26.92 -19.58
N ARG D 326 -4.67 25.65 -19.27
CA ARG D 326 -4.75 24.56 -20.26
C ARG D 326 -6.21 24.22 -20.59
N ILE D 327 -7.01 24.02 -19.54
CA ILE D 327 -8.43 23.74 -19.67
C ILE D 327 -9.14 24.71 -20.62
N ILE D 328 -8.76 25.98 -20.59
CA ILE D 328 -9.49 26.98 -21.37
C ILE D 328 -9.12 26.86 -22.85
N GLY D 329 -7.90 26.38 -23.09
CA GLY D 329 -7.47 26.10 -24.44
C GLY D 329 -8.39 25.08 -25.07
N MET D 330 -8.81 24.10 -24.26
CA MET D 330 -9.69 23.02 -24.73
C MET D 330 -11.03 23.55 -25.21
N LEU D 331 -11.53 24.59 -24.52
CA LEU D 331 -12.95 24.97 -24.59
C LEU D 331 -13.53 25.43 -25.93
N HIS D 332 -12.79 26.20 -26.72
CA HIS D 332 -13.32 26.62 -28.01
C HIS D 332 -12.54 26.05 -29.21
S SO4 E . -17.69 8.64 4.14
O1 SO4 E . -18.32 8.58 5.46
O2 SO4 E . -17.73 7.29 3.56
O3 SO4 E . -18.44 9.60 3.32
O4 SO4 E . -16.29 9.07 4.27
S SO4 F . -10.11 3.43 2.64
O1 SO4 F . -10.97 3.87 3.75
O2 SO4 F . -10.58 2.15 2.08
O3 SO4 F . -10.10 4.46 1.60
O4 SO4 F . -8.73 3.26 3.07
S SO4 G . 7.88 -25.30 20.27
O1 SO4 G . 8.11 -25.82 21.61
O2 SO4 G . 7.50 -26.38 19.36
O3 SO4 G . 6.81 -24.29 20.27
O4 SO4 G . 9.11 -24.67 19.80
S SO4 H . 16.99 8.72 25.55
O1 SO4 H . 16.70 7.74 26.60
O2 SO4 H . 16.10 8.45 24.42
O3 SO4 H . 16.72 10.07 26.05
O4 SO4 H . 18.38 8.65 25.11
S SO4 I . 9.23 10.43 21.07
O1 SO4 I . 8.22 11.02 21.95
O2 SO4 I . 8.90 9.02 20.87
O3 SO4 I . 9.25 11.13 19.79
O4 SO4 I . 10.56 10.53 21.67
S SO4 J . -5.90 5.37 -1.25
O1 SO4 J . -6.71 4.52 -0.36
O2 SO4 J . -6.73 5.63 -2.42
O3 SO4 J . -5.53 6.64 -0.61
O4 SO4 J . -4.71 4.65 -1.72
S SO4 K . 8.30 -18.45 -2.85
O1 SO4 K . 9.03 -19.23 -1.85
O2 SO4 K . 6.91 -18.91 -2.86
O3 SO4 K . 8.38 -17.04 -2.45
O4 SO4 K . 8.85 -18.68 -4.19
S SO4 L . 7.70 -9.92 -26.79
O1 SO4 L . 7.70 -9.69 -25.35
O2 SO4 L . 6.32 -10.15 -27.23
O3 SO4 L . 8.22 -8.75 -27.50
O4 SO4 L . 8.53 -11.09 -27.09
S SO4 M . -24.63 -0.93 -17.81
O1 SO4 M . -25.22 -0.10 -16.78
O2 SO4 M . -25.70 -1.55 -18.60
O3 SO4 M . -23.78 -0.08 -18.67
O4 SO4 M . -23.83 -2.01 -17.20
#